data_6PQX
#
_entry.id   6PQX
#
_cell.length_a   1.00
_cell.length_b   1.00
_cell.length_c   1.00
_cell.angle_alpha   90.00
_cell.angle_beta   90.00
_cell.angle_gamma   90.00
#
_symmetry.space_group_name_H-M   'P 1'
#
loop_
_entity.id
_entity.type
_entity.pdbx_description
1 polymer 'DNA-mediated transposase'
2 polymer "DNA (5'-D(P*TP*CP*TP*GP*GP*CP*CP*TP*AP*GP*AP*TP*CP*T)-3')"
3 polymer "DNA (5'-D(P*CP*AP*CP*GP*GP*TP*GP*GP*AP*TP*CP*GP*AP*AP*AP*A)-3')"
4 polymer 'TIR substrate DNA transferred strand'
5 non-polymer 'CALCIUM ION'
#
loop_
_entity_poly.entity_id
_entity_poly.type
_entity_poly.pdbx_seq_one_letter_code
_entity_poly.pdbx_strand_id
1 'polypeptide(L)'
;KPAPSTIFSPEKALGLLLSLKLSKWQYITLRETTIREGSKEIYPSYYKVQKAKLQCYPPKAFVAVTDSSAKIALQALLDL
TVNRIFETIRSPDAIQNKQLILISKWGFDGASNQSRYKQNIESGQGDSSIFMTSLVPLKLTADGDTVWVNPKPCSPMYCR
PVQFSFVKETKDVVINEKTAMDDEIEALVPSKCQGHEISHKLMMTMIDGKICTYLSEAKSNAACYLCLAKPTEMSKLDVI
ASKTISSGVYEFGLSTLHARINVMECLLHIAYRLDFKKWSARGEGHQELLHSRKKLIQDRFKDDLNLLIDIVKQGSGTTN
DGNTARRFFEFPDKTAAITGLDEDLIRRFSVILQAITSGEIIDVPKFKEYARTTAEKYVELYDWYYMSSTVHKLLIHGGD
IIAENAIVPIGSLSEEASEARNKDFRRFREHHSRKKSRQASNEDILNMLIISSDPLISFTRPKLDAHKRQTYFKETVELL
QLQDQEAPTEFHHHHHH
;
A,E
2 'polydeoxyribonucleotide' (DG)(DA)(DT)(DC)(DT)(DG)(DG)(DC)(DC)(DT)(DA)(DG)(DA)(DT)(DC)(DT) B,F
3 'polydeoxyribonucleotide' (DC)(DA)(DC)(DG)(DG)(DT)(DG)(DG)(DA)(DT)(DC)(DG)(DA)(DA)(DA)(DA) C,G
4 'polydeoxyribonucleotide'
;(DT)(DT)(DT)(DT)(DC)(DG)(DA)(DT)(DC)(DC)(DA)(DC)(DC)(DG)(DT)(DG)(DA)(DG)(DA)(DT)
(DC)(DT)(DA)(DG)(DG)(DC)(DC)(DA)(DG)(DA)(DT)(DC)
;
D,H
#
# COMPACT_ATOMS: atom_id res chain seq x y z
N SER A 5 -21.83 24.16 -21.57
CA SER A 5 -20.98 25.16 -22.20
C SER A 5 -19.86 25.60 -21.27
N THR A 6 -19.31 24.65 -20.51
CA THR A 6 -18.14 24.94 -19.70
C THR A 6 -16.85 24.70 -20.48
N ILE A 7 -15.75 25.12 -19.87
CA ILE A 7 -14.44 25.03 -20.52
C ILE A 7 -14.11 23.60 -20.93
N PHE A 8 -14.23 22.67 -19.98
CA PHE A 8 -13.91 21.27 -20.25
C PHE A 8 -15.09 20.47 -20.79
N SER A 9 -14.77 19.50 -21.63
CA SER A 9 -15.75 18.50 -22.03
C SER A 9 -15.99 17.50 -20.90
N PRO A 10 -17.21 16.98 -20.79
CA PRO A 10 -17.45 15.92 -19.80
C PRO A 10 -16.65 14.67 -20.07
N GLU A 11 -16.36 14.37 -21.33
CA GLU A 11 -15.46 13.26 -21.61
C GLU A 11 -14.03 13.63 -21.26
N LYS A 12 -13.63 14.86 -21.58
CA LYS A 12 -12.32 15.32 -21.16
C LYS A 12 -12.24 15.45 -19.65
N ALA A 13 -13.35 15.82 -19.01
CA ALA A 13 -13.39 15.91 -17.55
C ALA A 13 -13.25 14.55 -16.90
N LEU A 14 -13.90 13.52 -17.45
CA LEU A 14 -13.73 12.17 -16.91
C LEU A 14 -12.35 11.61 -17.20
N GLY A 15 -11.79 11.94 -18.37
CA GLY A 15 -10.45 11.48 -18.67
C GLY A 15 -9.41 12.12 -17.77
N LEU A 16 -9.55 13.41 -17.49
CA LEU A 16 -8.65 14.04 -16.54
C LEU A 16 -8.87 13.52 -15.13
N LEU A 17 -10.14 13.32 -14.75
CA LEU A 17 -10.46 12.77 -13.44
C LEU A 17 -9.71 11.48 -13.17
N LEU A 18 -9.81 10.53 -14.08
CA LEU A 18 -9.15 9.26 -13.83
C LEU A 18 -7.67 9.28 -14.18
N SER A 19 -7.22 10.23 -15.01
CA SER A 19 -5.79 10.35 -15.25
C SER A 19 -5.05 10.87 -14.03
N LEU A 20 -5.58 11.91 -13.39
CA LEU A 20 -4.99 12.43 -12.16
C LEU A 20 -5.29 11.58 -10.94
N LYS A 21 -6.21 10.62 -11.03
CA LYS A 21 -6.57 9.76 -9.90
C LYS A 21 -7.13 10.60 -8.75
N LEU A 22 -8.15 11.37 -9.06
CA LEU A 22 -8.78 12.29 -8.14
C LEU A 22 -10.01 11.64 -7.53
N SER A 23 -10.43 12.13 -6.37
CA SER A 23 -11.68 11.65 -5.83
C SER A 23 -12.83 12.61 -6.12
N LYS A 24 -14.04 12.13 -5.85
CA LYS A 24 -15.24 12.96 -5.99
C LYS A 24 -15.16 14.22 -5.15
N TRP A 25 -14.95 14.06 -3.84
CA TRP A 25 -14.79 15.22 -2.98
C TRP A 25 -13.63 16.07 -3.42
N GLN A 26 -12.52 15.42 -3.79
CA GLN A 26 -11.37 16.14 -4.30
C GLN A 26 -11.74 16.98 -5.52
N TYR A 27 -12.61 16.45 -6.36
CA TYR A 27 -13.04 17.19 -7.54
C TYR A 27 -13.97 18.36 -7.19
N ILE A 28 -14.93 18.14 -6.30
CA ILE A 28 -15.77 19.26 -5.85
C ILE A 28 -14.93 20.34 -5.18
N THR A 29 -13.94 19.94 -4.38
CA THR A 29 -13.07 20.91 -3.73
C THR A 29 -12.24 21.69 -4.74
N LEU A 30 -11.63 21.01 -5.70
CA LEU A 30 -10.91 21.70 -6.77
C LEU A 30 -11.81 22.68 -7.52
N ARG A 31 -13.01 22.22 -7.91
CA ARG A 31 -13.89 23.05 -8.71
C ARG A 31 -14.41 24.24 -7.92
N GLU A 32 -14.87 24.03 -6.69
CA GLU A 32 -15.37 25.12 -5.87
C GLU A 32 -14.28 26.13 -5.53
N THR A 33 -13.05 25.66 -5.27
CA THR A 33 -11.96 26.57 -5.00
C THR A 33 -11.55 27.35 -6.25
N THR A 34 -11.64 26.71 -7.43
CA THR A 34 -11.32 27.42 -8.65
C THR A 34 -12.39 28.43 -9.03
N ILE A 35 -13.65 28.14 -8.73
CA ILE A 35 -14.69 29.16 -8.85
C ILE A 35 -14.48 30.26 -7.81
N ARG A 36 -13.99 29.90 -6.63
CA ARG A 36 -13.61 30.87 -5.62
C ARG A 36 -12.43 31.72 -6.04
N GLU A 37 -11.61 31.24 -6.97
CA GLU A 37 -10.58 32.09 -7.57
C GLU A 37 -11.11 33.07 -8.60
N GLY A 38 -12.34 32.91 -9.08
CA GLY A 38 -13.03 33.99 -9.77
C GLY A 38 -13.25 33.76 -11.25
N SER A 39 -12.68 32.71 -11.83
CA SER A 39 -13.01 32.34 -13.21
C SER A 39 -14.37 31.66 -13.20
N LYS A 40 -15.39 32.35 -13.72
CA LYS A 40 -16.77 31.93 -13.55
C LYS A 40 -17.02 30.50 -14.05
N GLU A 41 -16.31 30.07 -15.10
CA GLU A 41 -16.40 28.69 -15.54
C GLU A 41 -15.02 28.04 -15.51
N ILE A 42 -15.00 26.74 -15.21
CA ILE A 42 -13.76 25.98 -15.31
C ILE A 42 -14.01 24.49 -15.54
N TYR A 43 -15.09 23.95 -14.98
CA TYR A 43 -15.30 22.51 -15.12
C TYR A 43 -16.78 22.19 -15.12
N PRO A 44 -17.16 21.04 -15.64
CA PRO A 44 -18.44 20.43 -15.28
C PRO A 44 -18.45 19.94 -13.85
N SER A 45 -19.62 20.05 -13.21
CA SER A 45 -19.81 19.44 -11.90
C SER A 45 -19.63 17.92 -11.99
N TYR A 46 -19.50 17.30 -10.83
CA TYR A 46 -19.49 15.84 -10.73
C TYR A 46 -20.76 15.20 -11.27
N TYR A 47 -21.88 15.94 -11.24
CA TYR A 47 -23.09 15.46 -11.90
C TYR A 47 -22.87 15.20 -13.39
N LYS A 48 -22.15 16.07 -14.07
CA LYS A 48 -21.88 15.87 -15.48
C LYS A 48 -20.93 14.71 -15.70
N VAL A 49 -19.95 14.55 -14.82
CA VAL A 49 -18.98 13.49 -15.04
C VAL A 49 -19.53 12.13 -14.64
N GLN A 50 -20.47 12.06 -13.71
CA GLN A 50 -21.16 10.79 -13.48
C GLN A 50 -22.17 10.50 -14.58
N LYS A 51 -22.70 11.52 -15.23
CA LYS A 51 -23.47 11.25 -16.44
C LYS A 51 -22.57 10.73 -17.57
N ALA A 52 -21.35 11.23 -17.66
CA ALA A 52 -20.39 10.67 -18.62
C ALA A 52 -20.01 9.24 -18.25
N LYS A 53 -19.90 8.95 -16.96
CA LYS A 53 -19.69 7.58 -16.51
C LYS A 53 -20.85 6.69 -16.94
N LEU A 54 -22.07 7.20 -16.87
CA LEU A 54 -23.23 6.45 -17.31
C LEU A 54 -23.17 6.10 -18.79
N GLN A 55 -22.31 6.75 -19.56
CA GLN A 55 -22.12 6.34 -20.94
C GLN A 55 -21.17 5.16 -21.06
N CYS A 56 -20.21 5.05 -20.14
CA CYS A 56 -19.23 3.97 -20.11
C CYS A 56 -19.80 2.66 -19.57
N TYR A 57 -20.82 2.72 -18.76
CA TYR A 57 -21.18 1.54 -17.96
C TYR A 57 -22.01 0.57 -18.79
N PRO A 58 -21.73 -0.73 -18.67
CA PRO A 58 -22.53 -1.73 -19.36
C PRO A 58 -23.95 -1.79 -18.81
N PRO A 59 -24.92 -2.20 -19.64
CA PRO A 59 -26.31 -2.35 -19.17
C PRO A 59 -26.49 -3.28 -17.97
N LYS A 60 -27.37 -2.84 -17.06
CA LYS A 60 -27.71 -3.56 -15.84
C LYS A 60 -28.11 -5.00 -16.09
N ALA A 61 -28.63 -5.31 -17.29
CA ALA A 61 -29.04 -6.68 -17.61
C ALA A 61 -27.91 -7.68 -17.51
N PHE A 62 -26.67 -7.24 -17.66
CA PHE A 62 -25.54 -8.15 -17.72
C PHE A 62 -24.55 -7.98 -16.57
N VAL A 63 -24.64 -6.91 -15.81
CA VAL A 63 -23.79 -6.75 -14.65
C VAL A 63 -24.38 -7.48 -13.46
N ALA A 64 -23.50 -7.98 -12.58
CA ALA A 64 -23.95 -8.63 -11.36
C ALA A 64 -22.92 -8.32 -10.30
N VAL A 65 -23.30 -7.46 -9.35
CA VAL A 65 -22.53 -7.19 -8.14
C VAL A 65 -23.19 -7.88 -6.96
N THR A 66 -22.38 -8.49 -6.11
CA THR A 66 -22.87 -9.10 -4.88
C THR A 66 -22.03 -8.61 -3.72
N ASP A 67 -22.43 -9.04 -2.51
CA ASP A 67 -21.62 -8.76 -1.32
C ASP A 67 -20.22 -9.34 -1.44
N SER A 68 -20.08 -10.50 -2.08
CA SER A 68 -18.83 -11.23 -2.05
C SER A 68 -18.23 -11.52 -3.41
N SER A 69 -18.93 -11.23 -4.51
CA SER A 69 -18.37 -11.49 -5.83
C SER A 69 -19.03 -10.55 -6.82
N ALA A 70 -18.46 -10.49 -8.02
CA ALA A 70 -19.16 -9.83 -9.12
C ALA A 70 -18.70 -10.40 -10.44
N LYS A 71 -19.57 -10.29 -11.44
CA LYS A 71 -19.27 -10.76 -12.78
C LYS A 71 -20.05 -9.96 -13.81
N ILE A 72 -19.68 -10.16 -15.07
CA ILE A 72 -20.45 -9.67 -16.21
C ILE A 72 -20.45 -10.73 -17.29
N ALA A 73 -21.54 -10.78 -18.06
CA ALA A 73 -21.56 -11.65 -19.23
C ALA A 73 -20.59 -11.17 -20.31
N LEU A 74 -19.89 -12.13 -20.90
CA LEU A 74 -18.81 -11.83 -21.84
C LEU A 74 -19.30 -11.01 -23.02
N GLN A 75 -20.35 -11.48 -23.68
CA GLN A 75 -20.86 -10.83 -24.88
C GLN A 75 -21.19 -9.38 -24.61
N ALA A 76 -21.71 -9.09 -23.43
CA ALA A 76 -22.06 -7.72 -23.08
C ALA A 76 -20.85 -6.78 -23.07
N LEU A 77 -19.73 -7.23 -22.51
CA LEU A 77 -18.52 -6.42 -22.57
C LEU A 77 -17.95 -6.32 -23.97
N LEU A 78 -17.98 -7.38 -24.75
CA LEU A 78 -17.52 -7.26 -26.13
C LEU A 78 -18.33 -6.23 -26.92
N ASP A 79 -19.67 -6.36 -26.89
CA ASP A 79 -20.53 -5.38 -27.55
C ASP A 79 -20.28 -3.96 -27.06
N LEU A 80 -20.21 -3.77 -25.74
CA LEU A 80 -19.92 -2.44 -25.21
C LEU A 80 -18.57 -1.92 -25.70
N THR A 81 -17.50 -2.66 -25.40
CA THR A 81 -16.15 -2.21 -25.67
C THR A 81 -15.91 -1.97 -27.16
N VAL A 82 -16.44 -2.82 -28.05
CA VAL A 82 -16.30 -2.52 -29.46
C VAL A 82 -17.16 -1.33 -29.89
N ASN A 83 -18.31 -1.11 -29.25
CA ASN A 83 -19.03 0.14 -29.48
C ASN A 83 -18.15 1.34 -29.17
N ARG A 84 -17.49 1.31 -28.02
CA ARG A 84 -16.54 2.37 -27.69
C ARG A 84 -15.38 2.44 -28.68
N ILE A 85 -14.99 1.31 -29.27
CA ILE A 85 -13.92 1.30 -30.27
C ILE A 85 -14.31 1.96 -31.59
N PHE A 86 -15.58 1.86 -32.00
CA PHE A 86 -15.97 2.45 -33.28
C PHE A 86 -15.74 3.96 -33.33
N GLU A 87 -15.92 4.66 -32.22
CA GLU A 87 -15.58 6.09 -32.21
C GLU A 87 -14.08 6.36 -32.25
N THR A 88 -13.26 5.40 -31.81
CA THR A 88 -11.82 5.58 -31.95
C THR A 88 -11.36 5.52 -33.40
N ILE A 89 -12.11 4.84 -34.26
CA ILE A 89 -11.80 4.90 -35.69
C ILE A 89 -12.03 6.31 -36.21
N ARG A 90 -11.10 6.78 -37.05
CA ARG A 90 -11.17 8.14 -37.58
C ARG A 90 -12.51 8.43 -38.23
N SER A 91 -13.17 7.40 -38.72
CA SER A 91 -14.48 7.49 -39.36
C SER A 91 -15.02 6.08 -39.52
N PRO A 92 -15.82 5.59 -38.57
CA PRO A 92 -16.22 4.18 -38.58
C PRO A 92 -16.98 3.76 -39.82
N ASP A 93 -17.34 4.69 -40.70
CA ASP A 93 -18.03 4.34 -41.93
C ASP A 93 -17.13 4.40 -43.15
N ALA A 94 -16.07 5.23 -43.13
CA ALA A 94 -15.20 5.33 -44.29
C ALA A 94 -14.30 4.11 -44.43
N ILE A 95 -14.23 3.27 -43.40
CA ILE A 95 -13.70 1.93 -43.56
C ILE A 95 -14.61 1.14 -44.49
N GLN A 96 -14.02 0.14 -45.15
CA GLN A 96 -14.80 -0.67 -46.07
C GLN A 96 -15.94 -1.37 -45.33
N ASN A 97 -17.13 -1.32 -45.95
CA ASN A 97 -18.38 -1.78 -45.34
C ASN A 97 -18.45 -3.30 -45.44
N LYS A 98 -17.68 -3.95 -44.58
CA LYS A 98 -17.58 -5.40 -44.55
C LYS A 98 -17.43 -5.85 -43.10
N GLN A 99 -17.56 -7.15 -42.87
CA GLN A 99 -17.35 -7.71 -41.55
C GLN A 99 -15.91 -7.52 -41.09
N LEU A 100 -15.75 -7.17 -39.83
CA LEU A 100 -14.44 -7.09 -39.20
C LEU A 100 -14.29 -8.22 -38.18
N ILE A 101 -13.08 -8.39 -37.69
CA ILE A 101 -12.76 -9.46 -36.76
C ILE A 101 -11.89 -8.89 -35.67
N LEU A 102 -12.36 -8.96 -34.44
CA LEU A 102 -11.57 -8.62 -33.26
C LEU A 102 -10.89 -9.88 -32.76
N ILE A 103 -9.56 -9.86 -32.73
CA ILE A 103 -8.75 -10.87 -32.06
C ILE A 103 -8.35 -10.28 -30.73
N SER A 104 -8.78 -10.97 -29.66
CA SER A 104 -8.61 -10.52 -28.30
C SER A 104 -7.85 -11.57 -27.51
N LYS A 105 -7.23 -11.14 -26.42
CA LYS A 105 -6.65 -12.06 -25.46
C LYS A 105 -7.37 -11.89 -24.13
N TRP A 106 -7.40 -12.95 -23.34
CA TRP A 106 -8.01 -12.89 -22.03
C TRP A 106 -7.35 -13.87 -21.09
N GLY A 107 -7.74 -13.79 -19.84
CA GLY A 107 -7.25 -14.70 -18.81
C GLY A 107 -7.64 -14.20 -17.45
N PHE A 108 -6.81 -14.51 -16.46
CA PHE A 108 -7.17 -14.24 -15.08
C PHE A 108 -5.94 -14.38 -14.19
N ASP A 109 -6.12 -14.09 -12.91
CA ASP A 109 -5.05 -14.16 -11.94
C ASP A 109 -5.60 -14.27 -10.53
N GLY A 110 -4.85 -14.97 -9.68
CA GLY A 110 -5.00 -14.85 -8.25
C GLY A 110 -3.87 -14.03 -7.66
N ALA A 111 -4.24 -13.03 -6.85
CA ALA A 111 -3.31 -12.21 -6.09
C ALA A 111 -3.68 -12.25 -4.62
N SER A 112 -2.68 -12.20 -3.73
CA SER A 112 -2.97 -12.29 -2.28
C SER A 112 -2.74 -10.98 -1.55
N ASN A 113 -2.32 -11.07 -0.27
CA ASN A 113 -1.94 -9.97 0.61
C ASN A 113 -2.89 -8.78 0.44
N GLN A 114 -4.19 -9.08 0.53
CA GLN A 114 -5.25 -8.08 0.42
C GLN A 114 -5.67 -7.54 1.77
N SER A 115 -6.02 -6.25 1.79
CA SER A 115 -6.59 -5.59 2.96
C SER A 115 -7.90 -6.27 3.38
N ARG A 116 -8.02 -6.53 4.68
CA ARG A 116 -9.17 -7.20 5.27
C ARG A 116 -10.10 -6.15 5.85
N TYR A 117 -11.38 -6.25 5.51
CA TYR A 117 -12.40 -5.34 6.01
C TYR A 117 -13.07 -5.86 7.28
N LYS A 118 -13.67 -4.93 8.00
CA LYS A 118 -14.42 -5.21 9.22
C LYS A 118 -15.88 -4.91 8.91
N GLN A 119 -16.54 -5.90 8.32
CA GLN A 119 -17.92 -5.82 7.88
C GLN A 119 -18.30 -7.20 7.37
N ASN A 120 -19.62 -7.45 7.29
CA ASN A 120 -20.19 -8.48 6.43
C ASN A 120 -19.43 -9.80 6.52
N ILE A 121 -19.65 -10.52 7.61
CA ILE A 121 -18.89 -11.69 8.03
C ILE A 121 -19.02 -12.82 7.00
N GLU A 122 -19.77 -12.57 5.93
CA GLU A 122 -20.23 -13.55 4.94
C GLU A 122 -19.31 -14.75 4.79
N SER A 123 -19.91 -15.93 4.96
CA SER A 123 -19.25 -17.22 5.11
C SER A 123 -17.96 -17.44 4.35
N GLY A 124 -17.93 -17.16 3.05
CA GLY A 124 -16.83 -17.68 2.28
C GLY A 124 -15.51 -16.94 2.44
N GLN A 125 -14.64 -17.50 3.27
CA GLN A 125 -13.22 -17.17 3.36
C GLN A 125 -12.95 -15.73 3.80
N GLY A 126 -14.01 -14.95 4.01
CA GLY A 126 -13.74 -13.53 4.12
C GLY A 126 -13.17 -12.97 2.83
N ASP A 127 -12.34 -11.94 2.98
CA ASP A 127 -11.61 -11.32 1.87
C ASP A 127 -10.12 -11.55 2.12
N SER A 128 -9.66 -12.76 1.81
CA SER A 128 -8.29 -13.18 2.05
C SER A 128 -7.38 -12.93 0.87
N SER A 129 -7.91 -13.08 -0.34
CA SER A 129 -7.11 -13.11 -1.55
C SER A 129 -8.05 -12.89 -2.72
N ILE A 130 -7.62 -12.07 -3.63
CA ILE A 130 -8.40 -11.72 -4.82
C ILE A 130 -8.13 -12.68 -5.95
N PHE A 131 -9.15 -12.90 -6.76
CA PHE A 131 -9.06 -13.73 -7.95
C PHE A 131 -9.95 -13.02 -8.97
N MET A 132 -9.36 -12.62 -10.09
CA MET A 132 -10.10 -11.84 -11.07
C MET A 132 -9.83 -12.34 -12.48
N THR A 133 -10.87 -12.32 -13.30
CA THR A 133 -10.79 -12.60 -14.72
C THR A 133 -10.90 -11.31 -15.52
N SER A 134 -10.26 -11.28 -16.68
CA SER A 134 -10.08 -10.05 -17.44
C SER A 134 -9.83 -10.37 -18.90
N LEU A 135 -10.10 -9.38 -19.75
CA LEU A 135 -10.03 -9.49 -21.20
C LEU A 135 -9.49 -8.19 -21.78
N VAL A 136 -8.93 -8.28 -22.97
CA VAL A 136 -8.49 -7.08 -23.68
C VAL A 136 -8.48 -7.34 -25.19
N PRO A 137 -9.09 -6.43 -25.96
CA PRO A 137 -8.97 -6.46 -27.42
C PRO A 137 -7.60 -6.00 -27.91
N LEU A 138 -6.99 -6.82 -28.77
CA LEU A 138 -5.71 -6.46 -29.36
C LEU A 138 -5.88 -5.85 -30.75
N LYS A 139 -6.64 -6.50 -31.62
CA LYS A 139 -6.47 -6.26 -33.05
C LYS A 139 -7.81 -6.40 -33.75
N LEU A 140 -8.11 -5.48 -34.66
CA LEU A 140 -9.22 -5.64 -35.58
C LEU A 140 -8.70 -5.70 -37.00
N THR A 141 -9.09 -6.75 -37.73
CA THR A 141 -8.74 -6.90 -39.13
C THR A 141 -9.91 -7.46 -39.92
N ALA A 142 -9.93 -7.14 -41.20
CA ALA A 142 -10.83 -7.78 -42.16
C ALA A 142 -9.90 -8.39 -43.20
N ASP A 143 -9.53 -9.65 -42.98
CA ASP A 143 -8.54 -10.37 -43.81
C ASP A 143 -7.14 -9.77 -43.66
N GLY A 144 -6.76 -9.47 -42.41
CA GLY A 144 -5.46 -8.91 -42.15
C GLY A 144 -5.40 -7.40 -42.22
N ASP A 145 -6.46 -6.76 -42.66
CA ASP A 145 -6.48 -5.31 -42.84
C ASP A 145 -6.71 -4.64 -41.50
N THR A 146 -5.61 -4.28 -40.84
CA THR A 146 -5.64 -3.67 -39.51
C THR A 146 -6.41 -2.36 -39.58
N VAL A 147 -7.58 -2.32 -38.95
CA VAL A 147 -8.38 -1.11 -38.91
C VAL A 147 -8.16 -0.45 -37.56
N TRP A 148 -7.90 -1.27 -36.55
CA TRP A 148 -7.49 -0.76 -35.26
C TRP A 148 -6.51 -1.75 -34.65
N VAL A 149 -5.54 -1.19 -33.93
CA VAL A 149 -4.66 -1.96 -33.06
C VAL A 149 -4.42 -1.14 -31.81
N ASN A 150 -4.18 -1.82 -30.70
CA ASN A 150 -3.76 -1.12 -29.52
C ASN A 150 -2.42 -0.46 -29.77
N PRO A 151 -2.30 0.86 -29.62
CA PRO A 151 -0.98 1.48 -29.76
C PRO A 151 0.00 0.96 -28.73
N LYS A 152 -0.50 0.60 -27.55
CA LYS A 152 0.31 0.05 -26.46
C LYS A 152 -0.38 -1.21 -25.98
N PRO A 153 -0.16 -2.33 -26.68
CA PRO A 153 -0.78 -3.60 -26.30
C PRO A 153 -0.32 -4.13 -24.96
N CYS A 154 0.67 -3.51 -24.35
CA CYS A 154 1.23 -4.00 -23.10
C CYS A 154 0.86 -3.14 -21.91
N SER A 155 0.29 -1.96 -22.14
CA SER A 155 -0.14 -1.13 -21.04
C SER A 155 -1.31 -1.77 -20.29
N PRO A 156 -1.36 -1.62 -18.97
CA PRO A 156 -2.51 -2.09 -18.21
C PRO A 156 -3.79 -1.35 -18.55
N MET A 157 -3.68 -0.13 -19.03
CA MET A 157 -4.80 0.74 -19.38
C MET A 157 -5.84 0.13 -20.33
N TYR A 158 -5.56 -1.02 -20.91
CA TYR A 158 -6.51 -1.65 -21.82
C TYR A 158 -7.09 -2.96 -21.32
N CYS A 159 -6.71 -3.40 -20.13
CA CYS A 159 -7.27 -4.64 -19.57
C CYS A 159 -8.65 -4.38 -18.98
N ARG A 160 -9.62 -5.18 -19.40
CA ARG A 160 -11.03 -5.02 -19.05
C ARG A 160 -11.52 -6.21 -18.22
N PRO A 161 -12.17 -5.97 -17.08
CA PRO A 161 -12.57 -7.07 -16.19
C PRO A 161 -13.78 -7.84 -16.69
N VAL A 162 -13.75 -9.16 -16.46
CA VAL A 162 -14.88 -10.04 -16.73
C VAL A 162 -15.54 -10.53 -15.46
N GLN A 163 -14.76 -10.80 -14.42
CA GLN A 163 -15.31 -11.14 -13.11
C GLN A 163 -14.24 -10.88 -12.06
N PHE A 164 -14.66 -10.86 -10.80
CA PHE A 164 -13.72 -10.99 -9.69
C PHE A 164 -14.40 -11.64 -8.49
N SER A 165 -13.57 -12.29 -7.67
CA SER A 165 -14.02 -13.07 -6.53
C SER A 165 -12.98 -13.01 -5.42
N PHE A 166 -13.46 -12.97 -4.17
CA PHE A 166 -12.62 -13.02 -2.98
C PHE A 166 -12.40 -14.47 -2.55
N VAL A 167 -11.65 -15.19 -3.36
CA VAL A 167 -11.34 -16.59 -3.12
C VAL A 167 -9.88 -16.83 -3.51
N LYS A 168 -9.17 -17.63 -2.72
CA LYS A 168 -7.80 -17.98 -3.07
C LYS A 168 -7.77 -18.91 -4.28
N GLU A 169 -6.64 -18.86 -4.99
CA GLU A 169 -6.41 -19.73 -6.14
C GLU A 169 -6.41 -21.20 -5.74
N THR A 170 -7.17 -22.00 -6.48
CA THR A 170 -7.22 -23.44 -6.25
C THR A 170 -7.64 -24.11 -7.54
N LYS A 171 -6.98 -25.24 -7.84
CA LYS A 171 -7.23 -26.00 -9.06
C LYS A 171 -8.70 -26.30 -9.29
N ASP A 172 -9.48 -26.46 -8.22
CA ASP A 172 -10.91 -26.69 -8.35
C ASP A 172 -11.63 -25.53 -9.02
N VAL A 173 -11.65 -24.38 -8.34
CA VAL A 173 -12.29 -23.20 -8.89
C VAL A 173 -11.64 -22.78 -10.19
N VAL A 174 -10.33 -22.97 -10.31
CA VAL A 174 -9.62 -22.69 -11.55
C VAL A 174 -10.21 -23.45 -12.73
N ILE A 175 -10.36 -24.77 -12.60
CA ILE A 175 -10.91 -25.56 -13.69
C ILE A 175 -12.39 -25.27 -13.91
N ASN A 176 -13.13 -25.06 -12.84
CA ASN A 176 -14.55 -24.74 -13.00
C ASN A 176 -14.76 -23.45 -13.78
N GLU A 177 -14.11 -22.38 -13.37
CA GLU A 177 -14.25 -21.11 -14.07
C GLU A 177 -13.63 -21.12 -15.45
N LYS A 178 -12.54 -21.86 -15.64
CA LYS A 178 -12.01 -22.03 -16.99
C LYS A 178 -13.03 -22.68 -17.92
N THR A 179 -13.54 -23.85 -17.56
CA THR A 179 -14.47 -24.55 -18.43
C THR A 179 -15.77 -23.78 -18.65
N ALA A 180 -16.25 -23.10 -17.61
CA ALA A 180 -17.42 -22.25 -17.76
C ALA A 180 -17.17 -21.08 -18.72
N MET A 181 -16.04 -20.40 -18.56
CA MET A 181 -15.67 -19.36 -19.50
C MET A 181 -15.54 -19.88 -20.93
N ASP A 182 -14.91 -21.04 -21.12
CA ASP A 182 -14.83 -21.63 -22.46
C ASP A 182 -16.20 -21.89 -23.05
N ASP A 183 -17.13 -22.39 -22.24
CA ASP A 183 -18.50 -22.58 -22.72
C ASP A 183 -19.15 -21.27 -23.12
N GLU A 184 -18.98 -20.25 -22.29
CA GLU A 184 -19.51 -18.92 -22.59
C GLU A 184 -18.89 -18.33 -23.85
N ILE A 185 -17.61 -18.63 -24.11
CA ILE A 185 -16.97 -18.21 -25.34
C ILE A 185 -17.57 -18.94 -26.53
N GLU A 186 -17.82 -20.23 -26.39
CA GLU A 186 -18.46 -20.98 -27.48
C GLU A 186 -19.89 -20.51 -27.71
N ALA A 187 -20.54 -19.98 -26.68
CA ALA A 187 -21.92 -19.52 -26.76
C ALA A 187 -22.04 -18.04 -27.12
N LEU A 188 -20.99 -17.44 -27.68
CA LEU A 188 -21.00 -16.02 -28.01
C LEU A 188 -21.27 -15.79 -29.50
N VAL A 189 -21.74 -14.58 -29.81
CA VAL A 189 -22.11 -14.17 -31.16
C VAL A 189 -21.27 -12.96 -31.60
N PRO A 190 -21.00 -12.78 -32.88
CA PRO A 190 -20.44 -11.51 -33.37
C PRO A 190 -21.30 -10.32 -32.95
N SER A 191 -20.64 -9.30 -32.42
CA SER A 191 -21.31 -8.05 -32.08
C SER A 191 -21.90 -7.37 -33.31
N LYS A 192 -22.83 -6.45 -33.03
CA LYS A 192 -23.50 -5.65 -34.04
C LYS A 192 -23.42 -4.17 -33.68
N CYS A 193 -23.14 -3.34 -34.66
CA CYS A 193 -23.11 -1.89 -34.46
C CYS A 193 -23.51 -1.18 -35.76
N GLN A 194 -24.72 -0.63 -35.78
CA GLN A 194 -25.19 0.28 -36.84
C GLN A 194 -24.85 -0.23 -38.23
N GLY A 195 -25.09 -1.52 -38.45
CA GLY A 195 -24.83 -2.12 -39.74
C GLY A 195 -23.46 -2.72 -39.91
N HIS A 196 -22.80 -3.10 -38.82
CA HIS A 196 -21.51 -3.77 -38.88
C HIS A 196 -21.56 -4.96 -37.95
N GLU A 197 -21.32 -6.14 -38.48
CA GLU A 197 -21.30 -7.37 -37.70
C GLU A 197 -19.86 -7.87 -37.59
N ILE A 198 -19.33 -7.90 -36.38
CA ILE A 198 -17.91 -8.12 -36.15
C ILE A 198 -17.76 -9.39 -35.35
N SER A 199 -17.00 -10.33 -35.90
CA SER A 199 -16.67 -11.55 -35.19
C SER A 199 -15.58 -11.30 -34.14
N HIS A 200 -15.51 -12.20 -33.17
CA HIS A 200 -14.59 -12.08 -32.05
C HIS A 200 -13.96 -13.43 -31.78
N LYS A 201 -12.64 -13.49 -31.90
CA LYS A 201 -11.88 -14.68 -31.54
C LYS A 201 -11.00 -14.39 -30.34
N LEU A 202 -11.11 -15.22 -29.32
CA LEU A 202 -10.46 -15.02 -28.04
C LEU A 202 -9.36 -16.04 -27.85
N MET A 203 -8.28 -15.62 -27.20
CA MET A 203 -7.19 -16.51 -26.85
C MET A 203 -6.97 -16.45 -25.35
N MET A 204 -7.14 -17.60 -24.68
CA MET A 204 -6.83 -17.72 -23.27
C MET A 204 -5.33 -17.91 -23.12
N THR A 205 -4.62 -16.79 -23.17
CA THR A 205 -3.17 -16.78 -23.13
C THR A 205 -2.64 -15.91 -22.00
N MET A 206 -3.46 -15.03 -21.46
CA MET A 206 -3.08 -14.16 -20.36
C MET A 206 -3.12 -14.93 -19.04
N ILE A 207 -2.39 -16.02 -18.98
CA ILE A 207 -2.41 -16.90 -17.81
C ILE A 207 -1.01 -17.44 -17.62
N ASP A 208 -0.61 -17.60 -16.36
CA ASP A 208 0.69 -18.16 -16.07
C ASP A 208 0.69 -19.68 -16.25
N GLY A 209 1.88 -20.22 -16.56
CA GLY A 209 2.07 -21.65 -16.58
C GLY A 209 1.70 -22.31 -15.26
N LYS A 210 1.82 -21.56 -14.17
CA LYS A 210 1.52 -22.07 -12.84
C LYS A 210 0.05 -22.44 -12.69
N ILE A 211 -0.82 -21.86 -13.51
CA ILE A 211 -2.23 -22.23 -13.55
C ILE A 211 -2.44 -23.18 -14.71
N CYS A 212 -1.66 -23.00 -15.76
CA CYS A 212 -1.70 -23.93 -16.88
C CYS A 212 -1.43 -25.37 -16.44
N THR A 213 -0.67 -25.55 -15.37
CA THR A 213 -0.49 -26.88 -14.80
C THR A 213 -1.83 -27.48 -14.36
N TYR A 214 -2.73 -26.65 -13.85
CA TYR A 214 -4.06 -27.14 -13.53
C TYR A 214 -4.87 -27.33 -14.80
N LEU A 215 -4.68 -26.45 -15.77
CA LEU A 215 -5.35 -26.59 -17.06
C LEU A 215 -4.70 -27.64 -17.93
N SER A 216 -3.61 -28.24 -17.48
CA SER A 216 -2.98 -29.35 -18.19
C SER A 216 -3.09 -30.63 -17.39
N GLU A 217 -2.99 -31.73 -18.10
CA GLU A 217 -3.08 -33.08 -17.54
C GLU A 217 -1.69 -33.56 -17.10
N ALA A 218 -1.14 -32.84 -16.13
CA ALA A 218 0.15 -33.18 -15.55
C ALA A 218 0.06 -32.93 -14.05
N LYS A 219 0.23 -34.00 -13.27
CA LYS A 219 0.18 -33.87 -11.81
C LYS A 219 1.26 -32.95 -11.30
N SER A 220 2.47 -33.07 -11.85
CA SER A 220 3.55 -32.18 -11.48
C SER A 220 3.40 -30.81 -12.14
N ASN A 221 3.96 -29.81 -11.48
CA ASN A 221 4.21 -28.51 -12.09
C ASN A 221 5.56 -28.45 -12.77
N ALA A 222 6.50 -29.30 -12.33
CA ALA A 222 7.83 -29.36 -12.90
C ALA A 222 7.87 -30.17 -14.19
N ALA A 223 6.81 -30.93 -14.48
CA ALA A 223 6.66 -31.57 -15.77
C ALA A 223 6.19 -30.54 -16.80
N CYS A 224 6.87 -30.51 -17.93
CA CYS A 224 6.48 -29.61 -19.01
C CYS A 224 5.10 -29.99 -19.53
N TYR A 225 4.16 -29.05 -19.44
CA TYR A 225 2.78 -29.35 -19.81
C TYR A 225 2.61 -29.54 -21.30
N LEU A 226 3.59 -29.10 -22.10
CA LEU A 226 3.52 -29.36 -23.52
C LEU A 226 4.17 -30.69 -23.84
N CYS A 227 5.15 -31.10 -23.04
CA CYS A 227 5.86 -32.35 -23.23
C CYS A 227 5.10 -33.49 -22.58
N LEU A 228 4.69 -33.27 -21.34
CA LEU A 228 4.27 -34.34 -20.43
C LEU A 228 5.46 -35.25 -20.18
N ALA A 229 6.55 -34.63 -19.72
CA ALA A 229 7.82 -35.30 -19.57
C ALA A 229 8.49 -34.88 -18.28
N LYS A 230 9.37 -35.74 -17.80
CA LYS A 230 10.10 -35.55 -16.56
C LYS A 230 11.36 -34.73 -16.81
N PRO A 231 11.86 -34.05 -15.78
CA PRO A 231 13.08 -33.24 -15.96
C PRO A 231 14.29 -34.06 -16.35
N THR A 232 14.38 -35.31 -15.92
CA THR A 232 15.46 -36.17 -16.38
C THR A 232 15.35 -36.42 -17.87
N GLU A 233 14.17 -36.84 -18.32
CA GLU A 233 13.97 -37.07 -19.75
C GLU A 233 13.75 -35.78 -20.51
N MET A 234 13.65 -34.65 -19.81
CA MET A 234 13.51 -33.35 -20.46
C MET A 234 14.78 -32.96 -21.20
N SER A 235 15.93 -33.47 -20.75
CA SER A 235 17.24 -33.10 -21.27
C SER A 235 17.56 -33.69 -22.64
N LYS A 236 16.63 -34.40 -23.29
CA LYS A 236 16.86 -34.93 -24.62
C LYS A 236 16.08 -34.15 -25.67
N LEU A 237 16.74 -33.90 -26.80
CA LEU A 237 16.09 -33.27 -27.94
C LEU A 237 15.17 -34.24 -28.66
N ASP A 238 15.69 -35.42 -29.00
CA ASP A 238 15.01 -36.33 -29.93
C ASP A 238 13.72 -36.89 -29.36
N VAL A 239 13.75 -37.35 -28.11
CA VAL A 239 12.57 -38.01 -27.54
C VAL A 239 11.41 -37.03 -27.39
N ILE A 240 11.68 -35.76 -27.16
CA ILE A 240 10.62 -34.78 -27.02
C ILE A 240 10.23 -34.19 -28.38
N ALA A 241 11.17 -34.12 -29.31
CA ALA A 241 10.83 -33.83 -30.70
C ALA A 241 10.00 -34.94 -31.32
N SER A 242 10.06 -36.14 -30.75
CA SER A 242 9.24 -37.28 -31.15
C SER A 242 8.03 -37.49 -30.25
N LYS A 243 7.64 -36.46 -29.50
CA LYS A 243 6.43 -36.51 -28.69
C LYS A 243 5.36 -35.61 -29.28
N THR A 244 4.13 -36.13 -29.30
CA THR A 244 2.97 -35.40 -29.77
C THR A 244 2.59 -34.27 -28.81
N ILE A 245 1.77 -33.35 -29.32
CA ILE A 245 1.30 -32.20 -28.58
C ILE A 245 -0.13 -32.43 -28.16
N SER A 246 -0.41 -32.09 -26.90
CA SER A 246 -1.73 -32.26 -26.33
C SER A 246 -2.78 -31.37 -27.00
N SER A 247 -4.05 -31.63 -26.68
CA SER A 247 -5.20 -30.99 -27.29
C SER A 247 -5.31 -29.49 -27.11
N GLY A 248 -5.03 -28.74 -28.18
CA GLY A 248 -5.17 -27.30 -28.17
C GLY A 248 -4.32 -26.57 -27.17
N VAL A 249 -3.32 -27.25 -26.60
CA VAL A 249 -2.51 -26.66 -25.54
C VAL A 249 -1.61 -25.55 -26.03
N TYR A 250 -1.54 -25.32 -27.34
CA TYR A 250 -0.92 -24.10 -27.84
C TYR A 250 -1.73 -22.85 -27.49
N GLU A 251 -3.01 -23.01 -27.18
CA GLU A 251 -3.78 -21.90 -26.64
C GLU A 251 -3.11 -21.34 -25.40
N PHE A 252 -2.43 -22.19 -24.63
CA PHE A 252 -1.56 -21.75 -23.56
C PHE A 252 -0.28 -21.21 -24.19
N GLY A 253 -0.40 -20.00 -24.73
CA GLY A 253 0.71 -19.37 -25.40
C GLY A 253 1.85 -19.01 -24.47
N LEU A 254 2.94 -18.55 -25.08
CA LEU A 254 4.20 -18.32 -24.38
C LEU A 254 4.07 -17.25 -23.31
N SER A 255 4.13 -17.67 -22.05
CA SER A 255 4.07 -16.77 -20.89
C SER A 255 5.42 -16.08 -20.70
N THR A 256 5.58 -14.94 -21.35
CA THR A 256 6.85 -14.21 -21.34
C THR A 256 7.29 -13.78 -19.94
N LEU A 257 6.33 -13.61 -19.03
CA LEU A 257 6.66 -13.18 -17.67
C LEU A 257 7.49 -14.21 -16.91
N HIS A 258 6.94 -15.40 -16.69
CA HIS A 258 7.64 -16.40 -15.88
C HIS A 258 8.91 -16.93 -16.53
N ALA A 259 8.97 -16.98 -17.86
CA ALA A 259 10.19 -17.42 -18.52
C ALA A 259 11.44 -16.67 -18.04
N ARG A 260 11.34 -15.35 -17.87
CA ARG A 260 12.50 -14.58 -17.46
C ARG A 260 12.85 -14.75 -15.99
N ILE A 261 11.84 -14.84 -15.13
CA ILE A 261 12.11 -15.08 -13.72
C ILE A 261 12.67 -16.47 -13.49
N ASN A 262 12.13 -17.45 -14.21
CA ASN A 262 12.65 -18.81 -14.14
C ASN A 262 14.07 -18.91 -14.70
N VAL A 263 14.39 -18.13 -15.73
CA VAL A 263 15.77 -18.04 -16.20
C VAL A 263 16.68 -17.50 -15.12
N MET A 264 16.29 -16.40 -14.48
CA MET A 264 17.08 -15.87 -13.37
C MET A 264 17.28 -16.89 -12.25
N GLU A 265 16.20 -17.55 -11.82
CA GLU A 265 16.32 -18.51 -10.73
C GLU A 265 17.15 -19.74 -11.10
N CYS A 266 16.96 -20.27 -12.30
CA CYS A 266 17.72 -21.44 -12.72
C CYS A 266 19.20 -21.11 -12.94
N LEU A 267 19.50 -19.92 -13.44
CA LEU A 267 20.90 -19.54 -13.58
C LEU A 267 21.56 -19.29 -12.23
N LEU A 268 20.81 -18.75 -11.27
CA LEU A 268 21.35 -18.63 -9.92
C LEU A 268 21.55 -19.99 -9.26
N HIS A 269 20.57 -20.89 -9.42
CA HIS A 269 20.74 -22.25 -8.95
C HIS A 269 21.99 -22.92 -9.53
N ILE A 270 22.22 -22.78 -10.83
CA ILE A 270 23.44 -23.30 -11.44
C ILE A 270 24.68 -22.62 -10.88
N ALA A 271 24.61 -21.31 -10.67
CA ALA A 271 25.74 -20.59 -10.08
C ALA A 271 26.07 -21.12 -8.69
N TYR A 272 25.06 -21.49 -7.93
CA TYR A 272 25.29 -22.11 -6.63
C TYR A 272 25.95 -23.46 -6.79
N ARG A 273 25.47 -24.26 -7.74
CA ARG A 273 25.88 -25.65 -7.88
C ARG A 273 27.16 -25.84 -8.68
N LEU A 274 27.82 -24.76 -9.13
CA LEU A 274 29.09 -24.92 -9.83
C LEU A 274 30.12 -25.72 -9.04
N ASP A 275 29.94 -25.84 -7.72
CA ASP A 275 30.79 -26.70 -6.91
C ASP A 275 30.60 -28.17 -7.27
N PHE A 276 29.39 -28.70 -7.06
CA PHE A 276 29.16 -30.13 -7.22
C PHE A 276 28.46 -30.46 -8.52
N LYS A 277 27.67 -29.52 -9.04
CA LYS A 277 27.09 -29.61 -10.37
C LYS A 277 26.20 -30.84 -10.53
N LYS A 278 25.23 -30.97 -9.62
CA LYS A 278 24.16 -31.93 -9.79
C LYS A 278 22.84 -31.17 -9.70
N TRP A 279 21.87 -31.59 -10.50
CA TRP A 279 20.57 -30.91 -10.55
C TRP A 279 19.99 -30.68 -9.16
N SER A 280 19.74 -31.75 -8.43
CA SER A 280 19.30 -31.65 -7.05
C SER A 280 20.44 -31.27 -6.12
N ALA A 281 20.13 -30.41 -5.14
CA ALA A 281 21.07 -30.06 -4.08
C ALA A 281 21.04 -31.05 -2.93
N ARG A 282 20.41 -32.20 -3.13
CA ARG A 282 20.50 -33.32 -2.21
C ARG A 282 21.85 -34.02 -2.32
N GLY A 283 22.43 -34.35 -1.17
CA GLY A 283 23.69 -35.07 -1.13
C GLY A 283 24.46 -34.76 0.14
N GLU A 284 25.77 -34.95 0.08
CA GLU A 284 26.65 -34.76 1.22
C GLU A 284 27.48 -33.50 1.02
N GLY A 285 27.28 -32.53 1.89
CA GLY A 285 27.96 -31.26 1.84
C GLY A 285 27.36 -30.28 0.88
N HIS A 286 26.65 -30.77 -0.13
CA HIS A 286 26.10 -29.92 -1.17
C HIS A 286 25.16 -28.90 -0.59
N GLN A 287 24.54 -29.22 0.54
CA GLN A 287 23.71 -28.25 1.25
C GLN A 287 24.54 -27.14 1.84
N GLU A 288 25.59 -27.49 2.59
CA GLU A 288 26.51 -26.50 3.14
C GLU A 288 27.22 -25.72 2.04
N LEU A 289 27.58 -26.40 0.96
CA LEU A 289 28.14 -25.75 -0.22
C LEU A 289 27.16 -24.80 -0.88
N LEU A 290 25.88 -25.18 -0.94
CA LEU A 290 24.85 -24.30 -1.45
C LEU A 290 24.68 -23.07 -0.58
N HIS A 291 24.59 -23.27 0.73
CA HIS A 291 24.44 -22.13 1.64
C HIS A 291 25.59 -21.16 1.49
N SER A 292 26.82 -21.68 1.51
CA SER A 292 28.00 -20.86 1.37
C SER A 292 28.05 -20.12 0.04
N ARG A 293 28.02 -20.85 -1.07
CA ARG A 293 28.14 -20.21 -2.37
C ARG A 293 26.97 -19.31 -2.70
N LYS A 294 25.77 -19.61 -2.24
CA LYS A 294 24.64 -18.69 -2.40
C LYS A 294 24.85 -17.38 -1.66
N LYS A 295 25.27 -17.46 -0.40
CA LYS A 295 25.54 -16.23 0.33
C LYS A 295 26.68 -15.45 -0.30
N LEU A 296 27.76 -16.13 -0.67
CA LEU A 296 28.90 -15.47 -1.31
C LEU A 296 28.51 -14.80 -2.63
N ILE A 297 27.69 -15.46 -3.45
CA ILE A 297 27.32 -14.84 -4.72
C ILE A 297 26.28 -13.75 -4.54
N GLN A 298 25.37 -13.87 -3.57
CA GLN A 298 24.50 -12.75 -3.22
C GLN A 298 25.29 -11.52 -2.79
N ASP A 299 26.34 -11.69 -2.00
CA ASP A 299 27.13 -10.55 -1.56
C ASP A 299 28.03 -9.97 -2.66
N ARG A 300 28.65 -10.82 -3.47
CA ARG A 300 29.44 -10.30 -4.57
C ARG A 300 28.59 -9.78 -5.72
N PHE A 301 27.33 -10.18 -5.78
CA PHE A 301 26.41 -9.65 -6.77
C PHE A 301 25.83 -8.33 -6.30
N LYS A 302 25.52 -8.23 -5.01
CA LYS A 302 25.02 -6.99 -4.43
C LYS A 302 26.06 -5.89 -4.47
N ASP A 303 27.31 -6.19 -4.08
CA ASP A 303 28.30 -5.13 -3.93
C ASP A 303 28.67 -4.49 -5.25
N ASP A 304 28.48 -5.19 -6.36
CA ASP A 304 28.85 -4.65 -7.66
C ASP A 304 27.66 -4.18 -8.47
N LEU A 305 26.50 -4.81 -8.31
CA LEU A 305 25.34 -4.47 -9.11
C LEU A 305 24.22 -3.84 -8.30
N ASN A 306 24.45 -3.63 -7.00
CA ASN A 306 23.52 -2.93 -6.12
C ASN A 306 22.09 -3.47 -6.20
N LEU A 307 21.95 -4.72 -5.74
CA LEU A 307 20.64 -5.33 -5.64
C LEU A 307 20.62 -6.22 -4.41
N LEU A 308 19.44 -6.39 -3.84
CA LEU A 308 19.21 -7.33 -2.75
C LEU A 308 18.13 -8.31 -3.18
N ILE A 309 18.43 -9.60 -3.14
CA ILE A 309 17.42 -10.63 -3.36
C ILE A 309 16.44 -10.63 -2.20
N ASP A 310 15.17 -10.46 -2.51
CA ASP A 310 14.12 -10.26 -1.53
C ASP A 310 13.86 -11.52 -0.70
N ILE A 311 13.28 -11.32 0.47
CA ILE A 311 13.10 -12.34 1.49
C ILE A 311 11.61 -12.62 1.66
N VAL A 312 11.26 -13.90 1.83
CA VAL A 312 9.89 -14.30 2.13
C VAL A 312 9.91 -15.38 3.21
N LYS A 313 9.03 -15.25 4.20
CA LYS A 313 8.99 -16.14 5.35
C LYS A 313 7.75 -17.00 5.41
N GLN A 314 6.68 -16.62 4.69
CA GLN A 314 5.59 -17.54 4.38
C GLN A 314 6.04 -18.61 3.39
N GLY A 315 7.09 -18.30 2.63
CA GLY A 315 7.71 -19.20 1.67
C GLY A 315 7.56 -18.70 0.25
N SER A 316 8.72 -18.55 -0.39
CA SER A 316 8.90 -18.18 -1.79
C SER A 316 10.39 -17.88 -1.96
N GLY A 317 10.93 -18.12 -3.17
CA GLY A 317 12.36 -17.98 -3.35
C GLY A 317 12.82 -16.52 -3.40
N THR A 318 12.11 -15.70 -4.15
CA THR A 318 12.50 -14.31 -4.40
C THR A 318 11.42 -13.64 -5.22
N THR A 319 11.48 -12.32 -5.25
CA THR A 319 10.67 -11.55 -6.19
C THR A 319 11.66 -10.74 -7.03
N ASN A 320 12.06 -11.34 -8.15
CA ASN A 320 12.94 -10.73 -9.14
C ASN A 320 12.16 -10.03 -10.24
N ASP A 321 10.87 -10.36 -10.33
CA ASP A 321 9.87 -9.85 -11.26
C ASP A 321 10.37 -9.19 -12.52
N GLY A 322 10.32 -7.87 -12.59
CA GLY A 322 10.67 -7.20 -13.82
C GLY A 322 12.03 -6.54 -13.75
N ASN A 323 12.25 -5.86 -12.64
CA ASN A 323 13.42 -5.00 -12.55
C ASN A 323 14.70 -5.81 -12.39
N THR A 324 14.67 -6.84 -11.54
CA THR A 324 15.84 -7.70 -11.44
C THR A 324 16.09 -8.45 -12.73
N ALA A 325 15.03 -8.85 -13.42
CA ALA A 325 15.14 -9.44 -14.74
C ALA A 325 15.89 -8.54 -15.73
N ARG A 326 15.35 -7.35 -15.97
CA ARG A 326 15.97 -6.46 -16.94
C ARG A 326 17.34 -5.95 -16.50
N ARG A 327 17.53 -5.68 -15.21
CA ARG A 327 18.84 -5.25 -14.73
C ARG A 327 19.87 -6.36 -14.91
N PHE A 328 19.48 -7.59 -14.61
CA PHE A 328 20.33 -8.74 -14.84
C PHE A 328 20.69 -8.90 -16.31
N PHE A 329 19.82 -8.47 -17.21
CA PHE A 329 20.06 -8.57 -18.65
C PHE A 329 20.69 -7.33 -19.27
N GLU A 330 20.80 -6.22 -18.54
CA GLU A 330 21.28 -5.00 -19.16
C GLU A 330 22.74 -5.14 -19.59
N PHE A 331 23.60 -5.60 -18.70
CA PHE A 331 24.97 -5.98 -19.04
C PHE A 331 25.21 -7.38 -18.51
N PRO A 332 24.87 -8.39 -19.32
CA PRO A 332 25.04 -9.78 -18.88
C PRO A 332 26.47 -10.16 -18.56
N ASP A 333 27.45 -9.49 -19.15
CA ASP A 333 28.84 -9.74 -18.81
C ASP A 333 29.09 -9.59 -17.32
N LYS A 334 28.33 -8.73 -16.64
CA LYS A 334 28.51 -8.53 -15.20
C LYS A 334 28.22 -9.82 -14.43
N THR A 335 27.01 -10.36 -14.57
CA THR A 335 26.71 -11.64 -13.96
C THR A 335 27.53 -12.79 -14.54
N ALA A 336 27.93 -12.70 -15.80
CA ALA A 336 28.82 -13.70 -16.37
C ALA A 336 30.16 -13.75 -15.65
N ALA A 337 30.68 -12.60 -15.25
CA ALA A 337 31.91 -12.57 -14.47
C ALA A 337 31.68 -12.94 -13.01
N ILE A 338 30.62 -12.42 -12.40
CA ILE A 338 30.40 -12.66 -10.98
C ILE A 338 30.04 -14.13 -10.71
N THR A 339 29.05 -14.66 -11.42
CA THR A 339 28.69 -16.06 -11.30
C THR A 339 29.63 -16.99 -12.04
N GLY A 340 30.32 -16.51 -13.06
CA GLY A 340 31.20 -17.36 -13.82
C GLY A 340 30.52 -18.22 -14.85
N LEU A 341 29.39 -17.78 -15.37
CA LEU A 341 28.67 -18.50 -16.42
C LEU A 341 29.01 -17.88 -17.78
N ASP A 342 28.88 -18.69 -18.82
CA ASP A 342 29.12 -18.21 -20.17
C ASP A 342 28.23 -17.03 -20.53
N GLU A 343 28.85 -16.03 -21.15
CA GLU A 343 28.14 -14.86 -21.63
C GLU A 343 27.40 -15.11 -22.94
N ASP A 344 27.94 -15.97 -23.80
CA ASP A 344 27.25 -16.31 -25.04
C ASP A 344 25.85 -16.86 -24.79
N LEU A 345 25.72 -17.85 -23.90
CA LEU A 345 24.42 -18.44 -23.63
C LEU A 345 23.42 -17.44 -23.04
N ILE A 346 23.87 -16.55 -22.16
CA ILE A 346 22.96 -15.52 -21.66
C ILE A 346 22.69 -14.45 -22.71
N ARG A 347 23.60 -14.26 -23.67
CA ARG A 347 23.26 -13.46 -24.85
C ARG A 347 22.23 -14.13 -25.73
N ARG A 348 22.25 -15.45 -25.81
CA ARG A 348 21.19 -16.16 -26.51
C ARG A 348 19.85 -16.05 -25.79
N PHE A 349 19.87 -16.15 -24.47
CA PHE A 349 18.66 -15.93 -23.70
C PHE A 349 18.14 -14.51 -23.86
N SER A 350 19.05 -13.54 -23.91
CA SER A 350 18.66 -12.17 -24.21
C SER A 350 18.05 -12.07 -25.60
N VAL A 351 18.67 -12.70 -26.59
CA VAL A 351 18.17 -12.65 -27.95
C VAL A 351 16.75 -13.18 -28.05
N ILE A 352 16.50 -14.36 -27.46
CA ILE A 352 15.16 -14.92 -27.51
C ILE A 352 14.16 -14.12 -26.68
N LEU A 353 14.55 -13.63 -25.50
CA LEU A 353 13.63 -12.82 -24.72
C LEU A 353 13.31 -11.51 -25.42
N GLN A 354 14.29 -10.89 -26.05
CA GLN A 354 14.07 -9.68 -26.85
C GLN A 354 13.18 -9.95 -28.05
N ALA A 355 13.37 -11.08 -28.71
CA ALA A 355 12.49 -11.42 -29.83
C ALA A 355 11.06 -11.65 -29.36
N ILE A 356 10.88 -12.31 -28.23
CA ILE A 356 9.54 -12.53 -27.71
C ILE A 356 8.90 -11.21 -27.30
N THR A 357 9.64 -10.34 -26.63
CA THR A 357 9.05 -9.12 -26.11
C THR A 357 8.95 -8.00 -27.13
N SER A 358 9.59 -8.15 -28.29
CA SER A 358 9.58 -7.08 -29.29
C SER A 358 8.16 -6.67 -29.66
N GLY A 359 7.27 -7.64 -29.82
CA GLY A 359 5.91 -7.34 -30.22
C GLY A 359 5.68 -7.39 -31.71
N GLU A 360 6.63 -7.95 -32.47
CA GLU A 360 6.54 -8.02 -33.92
C GLU A 360 6.72 -9.45 -34.40
N ILE A 361 6.38 -9.64 -35.68
CA ILE A 361 6.47 -10.94 -36.32
C ILE A 361 7.90 -11.46 -36.26
N ILE A 362 8.03 -12.77 -36.07
CA ILE A 362 9.31 -13.45 -35.98
C ILE A 362 9.34 -14.56 -37.02
N ASP A 363 10.43 -14.63 -37.79
CA ASP A 363 10.66 -15.80 -38.64
C ASP A 363 10.95 -17.02 -37.78
N VAL A 364 9.98 -17.93 -37.73
CA VAL A 364 10.05 -19.19 -37.01
C VAL A 364 11.18 -20.12 -37.45
N PRO A 365 11.60 -20.15 -38.72
CA PRO A 365 12.75 -21.02 -39.04
C PRO A 365 14.03 -20.57 -38.39
N LYS A 366 14.29 -19.26 -38.40
CA LYS A 366 15.48 -18.73 -37.73
C LYS A 366 15.35 -18.86 -36.22
N PHE A 367 14.14 -18.70 -35.70
CA PHE A 367 13.92 -18.82 -34.27
C PHE A 367 14.14 -20.25 -33.81
N LYS A 368 13.56 -21.22 -34.51
CA LYS A 368 13.76 -22.63 -34.19
C LYS A 368 15.23 -23.01 -34.34
N GLU A 369 15.91 -22.48 -35.34
CA GLU A 369 17.35 -22.66 -35.48
C GLU A 369 18.09 -22.20 -34.23
N TYR A 370 17.86 -20.96 -33.81
CA TYR A 370 18.59 -20.44 -32.67
C TYR A 370 18.20 -21.13 -31.37
N ALA A 371 16.93 -21.55 -31.26
CA ALA A 371 16.46 -22.23 -30.06
C ALA A 371 17.08 -23.62 -29.91
N ARG A 372 17.15 -24.37 -31.00
CA ARG A 372 17.81 -25.67 -30.92
C ARG A 372 19.32 -25.53 -30.76
N THR A 373 19.93 -24.51 -31.35
CA THR A 373 21.36 -24.29 -31.11
C THR A 373 21.63 -23.82 -29.68
N THR A 374 20.67 -23.14 -29.06
CA THR A 374 20.78 -22.84 -27.65
C THR A 374 20.61 -24.07 -26.78
N ALA A 375 19.75 -24.99 -27.19
CA ALA A 375 19.62 -26.25 -26.46
C ALA A 375 20.89 -27.07 -26.56
N GLU A 376 21.49 -27.11 -27.75
CA GLU A 376 22.81 -27.71 -27.93
C GLU A 376 23.86 -27.10 -27.01
N LYS A 377 24.00 -25.78 -27.06
CA LYS A 377 25.04 -25.12 -26.28
C LYS A 377 24.79 -25.23 -24.77
N TYR A 378 23.52 -25.22 -24.36
CA TYR A 378 23.20 -25.49 -22.96
C TYR A 378 23.64 -26.88 -22.55
N VAL A 379 23.15 -27.90 -23.25
CA VAL A 379 23.40 -29.26 -22.78
C VAL A 379 24.89 -29.59 -22.85
N GLU A 380 25.60 -29.06 -23.84
CA GLU A 380 27.03 -29.30 -23.87
C GLU A 380 27.75 -28.52 -22.77
N LEU A 381 27.23 -27.35 -22.36
CA LEU A 381 27.84 -26.64 -21.24
C LEU A 381 27.33 -27.11 -19.88
N TYR A 382 26.02 -27.00 -19.64
CA TYR A 382 25.44 -27.37 -18.35
C TYR A 382 24.35 -28.39 -18.61
N ASP A 383 24.76 -29.65 -18.62
CA ASP A 383 23.83 -30.77 -18.74
C ASP A 383 23.29 -31.15 -17.37
N TRP A 384 24.19 -31.23 -16.38
CA TRP A 384 23.88 -31.84 -15.09
C TRP A 384 22.69 -31.22 -14.39
N TYR A 385 22.41 -29.94 -14.65
CA TYR A 385 21.15 -29.35 -14.20
C TYR A 385 20.10 -29.58 -15.27
N TYR A 386 19.01 -30.26 -14.88
CA TYR A 386 17.83 -30.34 -15.71
C TYR A 386 17.18 -28.96 -15.83
N MET A 387 17.14 -28.45 -17.05
CA MET A 387 16.52 -27.16 -17.34
C MET A 387 15.06 -27.16 -16.87
N SER A 388 14.61 -26.00 -16.44
CA SER A 388 13.25 -25.86 -15.95
C SER A 388 12.23 -26.07 -17.07
N SER A 389 10.98 -26.22 -16.63
CA SER A 389 9.84 -26.40 -17.51
C SER A 389 9.76 -25.30 -18.57
N THR A 390 9.89 -24.05 -18.14
CA THR A 390 9.70 -22.93 -19.06
C THR A 390 10.84 -22.79 -20.06
N VAL A 391 12.08 -23.03 -19.65
CA VAL A 391 13.17 -22.91 -20.60
C VAL A 391 13.16 -24.06 -21.60
N HIS A 392 12.71 -25.24 -21.18
CA HIS A 392 12.48 -26.32 -22.14
C HIS A 392 11.32 -26.00 -23.08
N LYS A 393 10.23 -25.48 -22.54
CA LYS A 393 9.12 -25.05 -23.37
C LYS A 393 9.54 -23.97 -24.36
N LEU A 394 10.49 -23.12 -23.98
CA LEU A 394 11.07 -22.15 -24.90
C LEU A 394 11.92 -22.82 -25.98
N LEU A 395 12.87 -23.67 -25.57
CA LEU A 395 13.85 -24.17 -26.53
C LEU A 395 13.24 -25.17 -27.49
N ILE A 396 12.39 -26.07 -27.00
CA ILE A 396 11.82 -27.10 -27.85
C ILE A 396 10.43 -26.72 -28.35
N HIS A 397 9.57 -26.26 -27.46
CA HIS A 397 8.19 -26.04 -27.81
C HIS A 397 7.89 -24.63 -28.30
N GLY A 398 8.84 -23.71 -28.16
CA GLY A 398 8.53 -22.32 -28.37
C GLY A 398 8.19 -21.99 -29.80
N GLY A 399 9.04 -22.40 -30.74
CA GLY A 399 8.78 -22.13 -32.15
C GLY A 399 7.47 -22.71 -32.65
N ASP A 400 7.08 -23.87 -32.12
CA ASP A 400 5.79 -24.47 -32.48
C ASP A 400 4.62 -23.58 -32.08
N ILE A 401 4.60 -23.13 -30.82
CA ILE A 401 3.51 -22.28 -30.39
C ILE A 401 3.60 -20.89 -30.97
N ILE A 402 4.81 -20.45 -31.35
CA ILE A 402 4.97 -19.21 -32.08
C ILE A 402 4.30 -19.29 -33.45
N ALA A 403 4.54 -20.40 -34.15
CA ALA A 403 3.86 -20.59 -35.43
C ALA A 403 2.36 -20.80 -35.25
N GLU A 404 1.94 -21.41 -34.16
CA GLU A 404 0.51 -21.51 -33.87
C GLU A 404 -0.09 -20.14 -33.57
N ASN A 405 0.41 -19.47 -32.54
CA ASN A 405 -0.07 -18.15 -32.17
C ASN A 405 0.62 -17.05 -32.94
N ALA A 406 0.75 -17.20 -34.25
CA ALA A 406 1.37 -16.19 -35.08
C ALA A 406 0.38 -15.18 -35.62
N ILE A 407 -0.92 -15.46 -35.49
CA ILE A 407 -1.95 -14.54 -35.93
C ILE A 407 -1.87 -13.21 -35.20
N VAL A 408 -1.27 -13.18 -34.02
CA VAL A 408 -0.92 -11.93 -33.36
C VAL A 408 0.55 -11.96 -32.98
N PRO A 409 1.29 -10.87 -33.17
CA PRO A 409 2.68 -10.83 -32.71
C PRO A 409 2.80 -10.98 -31.20
N ILE A 410 3.66 -11.91 -30.80
CA ILE A 410 3.88 -12.22 -29.40
C ILE A 410 4.47 -11.03 -28.66
N GLY A 411 4.19 -10.97 -27.36
CA GLY A 411 4.53 -9.85 -26.53
C GLY A 411 3.39 -8.87 -26.38
N SER A 412 2.58 -8.72 -27.42
CA SER A 412 1.27 -8.14 -27.25
C SER A 412 0.35 -9.13 -26.54
N LEU A 413 0.45 -10.41 -26.91
CA LEU A 413 -0.09 -11.50 -26.11
C LEU A 413 0.81 -11.73 -24.90
N SER A 414 0.30 -11.41 -23.72
CA SER A 414 1.11 -11.35 -22.51
C SER A 414 0.16 -11.31 -21.32
N GLU A 415 0.68 -11.67 -20.15
CA GLU A 415 -0.05 -11.43 -18.90
C GLU A 415 0.52 -10.30 -18.08
N GLU A 416 1.74 -9.84 -18.36
CA GLU A 416 2.35 -8.75 -17.60
C GLU A 416 1.43 -7.53 -17.54
N ALA A 417 0.77 -7.24 -18.66
CA ALA A 417 -0.24 -6.20 -18.71
C ALA A 417 -1.38 -6.44 -17.74
N SER A 418 -1.98 -7.63 -17.77
CA SER A 418 -3.15 -7.89 -16.94
C SER A 418 -2.82 -8.00 -15.45
N GLU A 419 -1.71 -8.66 -15.09
CA GLU A 419 -1.43 -8.80 -13.67
C GLU A 419 -0.92 -7.50 -13.04
N ALA A 420 -0.40 -6.59 -13.84
CA ALA A 420 -0.15 -5.24 -13.33
C ALA A 420 -1.44 -4.55 -12.94
N ARG A 421 -2.59 -4.99 -13.46
CA ARG A 421 -3.83 -4.38 -13.07
C ARG A 421 -4.17 -4.62 -11.61
N ASN A 422 -3.56 -5.63 -10.98
CA ASN A 422 -3.80 -5.80 -9.55
C ASN A 422 -3.23 -4.65 -8.75
N LYS A 423 -2.20 -3.99 -9.29
CA LYS A 423 -1.70 -2.75 -8.70
C LYS A 423 -2.78 -1.70 -8.69
N ASP A 424 -3.49 -1.56 -9.80
CA ASP A 424 -4.65 -0.68 -9.81
C ASP A 424 -5.74 -1.16 -8.87
N PHE A 425 -6.00 -2.47 -8.86
CA PHE A 425 -7.12 -2.99 -8.07
C PHE A 425 -7.02 -2.59 -6.61
N ARG A 426 -5.88 -2.87 -5.97
CA ARG A 426 -5.72 -2.49 -4.58
C ARG A 426 -5.90 -0.99 -4.42
N ARG A 427 -5.21 -0.22 -5.26
CA ARG A 427 -5.31 1.23 -5.15
C ARG A 427 -6.71 1.71 -5.49
N PHE A 428 -7.38 1.02 -6.40
CA PHE A 428 -8.79 1.34 -6.63
C PHE A 428 -9.64 1.03 -5.41
N ARG A 429 -9.43 -0.14 -4.79
CA ARG A 429 -10.23 -0.52 -3.64
C ARG A 429 -10.00 0.37 -2.42
N GLU A 430 -8.79 0.89 -2.24
CA GLU A 430 -8.55 1.74 -1.07
C GLU A 430 -9.02 3.18 -1.26
N HIS A 431 -8.72 3.79 -2.39
CA HIS A 431 -9.08 5.19 -2.56
C HIS A 431 -10.50 5.40 -3.08
N HIS A 432 -10.79 4.84 -4.24
CA HIS A 432 -11.94 5.25 -5.03
C HIS A 432 -13.19 4.44 -4.74
N SER A 433 -13.15 3.56 -3.75
CA SER A 433 -14.37 2.86 -3.37
C SER A 433 -15.17 3.70 -2.38
N ARG A 434 -16.45 3.37 -2.29
CA ARG A 434 -17.27 3.75 -1.15
C ARG A 434 -17.40 2.55 -0.21
N LYS A 435 -17.03 2.77 1.05
CA LYS A 435 -16.74 1.72 2.02
C LYS A 435 -17.94 1.37 2.90
N LYS A 436 -19.12 1.85 2.56
CA LYS A 436 -20.29 1.56 3.39
C LYS A 436 -20.75 0.11 3.29
N SER A 437 -20.24 -0.66 2.33
CA SER A 437 -20.57 -2.07 2.22
C SER A 437 -19.58 -2.75 1.29
N ARG A 438 -19.44 -4.07 1.46
CA ARG A 438 -18.66 -4.85 0.51
C ARG A 438 -19.28 -4.79 -0.88
N GLN A 439 -20.60 -4.92 -0.96
CA GLN A 439 -21.31 -4.80 -2.22
C GLN A 439 -21.12 -3.44 -2.87
N ALA A 440 -21.08 -2.37 -2.07
CA ALA A 440 -20.77 -1.06 -2.63
C ALA A 440 -19.35 -0.99 -3.17
N SER A 441 -18.37 -1.45 -2.38
CA SER A 441 -17.00 -1.52 -2.86
C SER A 441 -16.85 -2.36 -4.12
N ASN A 442 -17.66 -3.40 -4.27
CA ASN A 442 -17.58 -4.21 -5.48
C ASN A 442 -18.17 -3.49 -6.68
N GLU A 443 -19.20 -2.67 -6.45
CA GLU A 443 -19.68 -1.83 -7.55
C GLU A 443 -18.64 -0.77 -7.90
N ASP A 444 -18.01 -0.19 -6.88
CA ASP A 444 -16.98 0.82 -7.12
C ASP A 444 -15.84 0.25 -7.97
N ILE A 445 -15.25 -0.86 -7.53
CA ILE A 445 -14.15 -1.45 -8.28
C ILE A 445 -14.57 -1.89 -9.68
N LEU A 446 -15.79 -2.39 -9.84
CA LEU A 446 -16.29 -2.72 -11.16
C LEU A 446 -16.30 -1.51 -12.10
N ASN A 447 -17.09 -0.49 -11.75
CA ASN A 447 -17.20 0.67 -12.62
C ASN A 447 -15.87 1.41 -12.75
N MET A 448 -15.07 1.45 -11.69
CA MET A 448 -13.77 2.10 -11.76
C MET A 448 -12.84 1.40 -12.75
N LEU A 449 -12.84 0.08 -12.79
CA LEU A 449 -11.97 -0.55 -13.78
C LEU A 449 -12.54 -0.45 -15.19
N ILE A 450 -13.86 -0.43 -15.33
CA ILE A 450 -14.45 -0.18 -16.65
C ILE A 450 -14.11 1.21 -17.17
N ILE A 451 -14.06 2.21 -16.28
CA ILE A 451 -13.61 3.53 -16.74
C ILE A 451 -12.11 3.52 -16.97
N SER A 452 -11.35 2.79 -16.15
CA SER A 452 -9.90 2.73 -16.31
C SER A 452 -9.49 2.14 -17.63
N SER A 453 -10.37 1.39 -18.29
CA SER A 453 -10.04 0.89 -19.62
C SER A 453 -11.16 1.18 -20.62
N ASP A 454 -11.91 2.27 -20.42
CA ASP A 454 -12.77 2.78 -21.49
C ASP A 454 -11.93 3.19 -22.68
N PRO A 455 -12.02 2.44 -23.78
CA PRO A 455 -11.11 2.64 -24.91
C PRO A 455 -11.05 4.05 -25.48
N LEU A 456 -12.19 4.73 -25.56
CA LEU A 456 -12.17 6.09 -26.10
C LEU A 456 -11.45 7.04 -25.16
N ILE A 457 -11.79 7.01 -23.88
CA ILE A 457 -11.07 7.83 -22.91
C ILE A 457 -9.62 7.37 -22.80
N SER A 458 -9.39 6.06 -22.88
CA SER A 458 -8.02 5.56 -22.86
C SER A 458 -7.21 6.10 -24.02
N PHE A 459 -7.87 6.39 -25.12
CA PHE A 459 -7.20 7.06 -26.24
C PHE A 459 -6.90 8.52 -25.91
N THR A 460 -7.93 9.31 -25.59
CA THR A 460 -7.78 10.73 -25.26
C THR A 460 -7.69 10.93 -23.74
N ARG A 461 -6.55 10.51 -23.18
CA ARG A 461 -6.23 10.87 -21.81
C ARG A 461 -4.72 11.07 -21.69
N PRO A 462 -4.29 11.80 -20.67
CA PRO A 462 -2.84 11.94 -20.40
C PRO A 462 -2.07 10.64 -20.29
N LYS A 463 -0.82 10.69 -20.75
CA LYS A 463 0.11 9.57 -20.70
C LYS A 463 1.52 10.14 -20.89
N LEU A 464 2.52 9.29 -20.65
CA LEU A 464 3.93 9.64 -20.86
C LEU A 464 4.60 8.62 -21.75
N ASP A 465 5.07 9.06 -22.92
CA ASP A 465 5.95 8.27 -23.77
C ASP A 465 7.21 9.06 -24.10
N ALA A 466 8.32 8.66 -23.46
CA ALA A 466 9.68 9.03 -23.84
C ALA A 466 10.58 7.81 -23.89
N HIS A 467 10.05 6.64 -23.55
CA HIS A 467 10.74 5.36 -23.48
C HIS A 467 10.67 4.60 -24.80
N LYS A 468 10.66 5.37 -25.89
CA LYS A 468 10.29 4.87 -27.22
C LYS A 468 11.03 3.60 -27.61
N ARG A 469 12.35 3.64 -27.64
CA ARG A 469 13.15 2.53 -28.13
C ARG A 469 14.44 2.38 -27.32
N GLN A 470 15.09 1.24 -27.51
CA GLN A 470 16.35 0.93 -26.85
C GLN A 470 17.10 -0.06 -27.73
N THR A 471 18.40 -0.18 -27.47
CA THR A 471 19.31 -0.99 -28.28
C THR A 471 19.00 -2.47 -28.36
N TYR A 472 18.44 -2.91 -29.49
CA TYR A 472 18.31 -4.32 -29.78
C TYR A 472 19.67 -4.96 -30.03
N PHE A 473 19.71 -6.28 -29.88
CA PHE A 473 20.93 -7.04 -30.09
C PHE A 473 21.05 -7.50 -31.54
N LYS A 474 22.30 -7.68 -31.98
CA LYS A 474 22.58 -7.88 -33.40
C LYS A 474 22.04 -9.22 -33.90
N GLU A 475 22.34 -10.29 -33.18
CA GLU A 475 21.73 -11.58 -33.52
C GLU A 475 20.22 -11.54 -33.36
N THR A 476 19.71 -10.67 -32.50
CA THR A 476 18.27 -10.50 -32.40
C THR A 476 17.72 -9.88 -33.67
N VAL A 477 18.24 -8.72 -34.08
CA VAL A 477 17.72 -8.08 -35.28
C VAL A 477 17.97 -8.95 -36.51
N GLU A 478 18.99 -9.82 -36.48
CA GLU A 478 19.08 -10.87 -37.49
C GLU A 478 17.87 -11.78 -37.41
N LEU A 479 17.52 -12.21 -36.21
CA LEU A 479 16.32 -13.00 -36.00
C LEU A 479 15.06 -12.18 -36.21
N LEU A 480 15.07 -10.91 -35.78
CA LEU A 480 13.88 -10.09 -35.89
C LEU A 480 13.41 -9.95 -37.32
N GLN A 481 12.13 -10.29 -37.54
CA GLN A 481 11.40 -9.99 -38.77
C GLN A 481 10.67 -8.66 -38.57
N LEU A 482 11.44 -7.57 -38.66
CA LEU A 482 10.92 -6.25 -38.36
C LEU A 482 10.66 -5.50 -39.66
N GLN A 483 9.40 -5.13 -39.88
CA GLN A 483 8.99 -4.29 -40.98
C GLN A 483 8.10 -3.18 -40.44
N ASP A 484 7.84 -2.18 -41.28
CA ASP A 484 7.08 -1.01 -40.86
C ASP A 484 6.65 -0.17 -42.06
N SER E 5 1.20 37.28 -11.78
CA SER E 5 -0.16 37.79 -11.96
C SER E 5 -1.07 36.72 -12.54
N THR E 6 -0.90 35.49 -12.11
CA THR E 6 -1.81 34.43 -12.50
C THR E 6 -2.97 34.31 -11.51
N ILE E 7 -3.96 33.51 -11.90
CA ILE E 7 -5.18 33.35 -11.11
C ILE E 7 -4.87 32.90 -9.69
N PHE E 8 -4.09 31.84 -9.55
CA PHE E 8 -3.76 31.30 -8.24
C PHE E 8 -2.51 31.93 -7.63
N SER E 9 -2.52 32.02 -6.29
CA SER E 9 -1.32 32.37 -5.55
C SER E 9 -0.36 31.19 -5.51
N PRO E 10 0.95 31.46 -5.50
CA PRO E 10 1.90 30.35 -5.33
C PRO E 10 1.76 29.65 -4.00
N GLU E 11 1.35 30.37 -2.95
CA GLU E 11 1.05 29.69 -1.70
C GLU E 11 -0.24 28.90 -1.82
N LYS E 12 -1.25 29.48 -2.47
CA LYS E 12 -2.47 28.73 -2.72
C LYS E 12 -2.21 27.58 -3.68
N ALA E 13 -1.30 27.77 -4.63
CA ALA E 13 -0.94 26.70 -5.55
C ALA E 13 -0.25 25.55 -4.85
N LEU E 14 0.65 25.83 -3.92
CA LEU E 14 1.29 24.77 -3.15
C LEU E 14 0.32 24.10 -2.18
N GLY E 15 -0.59 24.88 -1.62
CA GLY E 15 -1.59 24.28 -0.72
C GLY E 15 -2.54 23.37 -1.46
N LEU E 16 -2.95 23.78 -2.67
CA LEU E 16 -3.79 22.89 -3.46
C LEU E 16 -2.99 21.68 -3.94
N LEU E 17 -1.74 21.89 -4.34
CA LEU E 17 -0.88 20.80 -4.77
C LEU E 17 -0.82 19.69 -3.74
N LEU E 18 -0.51 20.05 -2.50
CA LEU E 18 -0.39 19.00 -1.50
C LEU E 18 -1.74 18.58 -0.92
N SER E 19 -2.78 19.40 -1.04
CA SER E 19 -4.10 18.98 -0.62
C SER E 19 -4.66 17.89 -1.54
N LEU E 20 -4.56 18.10 -2.85
CA LEU E 20 -5.00 17.09 -3.81
C LEU E 20 -4.03 15.92 -3.96
N LYS E 21 -2.83 16.01 -3.40
CA LYS E 21 -1.82 14.96 -3.49
C LYS E 21 -1.46 14.69 -4.95
N LEU E 22 -1.05 15.73 -5.64
CA LEU E 22 -0.74 15.71 -7.05
C LEU E 22 0.76 15.55 -7.23
N SER E 23 1.17 15.05 -8.39
CA SER E 23 2.59 15.01 -8.66
C SER E 23 3.02 16.19 -9.53
N LYS E 24 4.34 16.35 -9.66
CA LYS E 24 4.92 17.37 -10.51
C LYS E 24 4.45 17.22 -11.96
N TRP E 25 4.68 16.05 -12.54
CA TRP E 25 4.22 15.79 -13.89
C TRP E 25 2.72 15.95 -13.97
N GLN E 26 2.01 15.44 -12.97
CA GLN E 26 0.56 15.59 -12.93
C GLN E 26 0.17 17.06 -12.96
N TYR E 27 0.94 17.91 -12.28
CA TYR E 27 0.66 19.33 -12.29
C TYR E 27 0.96 19.99 -13.62
N ILE E 28 2.09 19.66 -14.24
CA ILE E 28 2.38 20.19 -15.57
C ILE E 28 1.34 19.73 -16.58
N THR E 29 0.89 18.48 -16.48
CA THR E 29 -0.15 17.98 -17.37
C THR E 29 -1.47 18.71 -17.16
N LEU E 30 -1.90 18.87 -15.92
CA LEU E 30 -3.10 19.65 -15.64
C LEU E 30 -2.99 21.06 -16.19
N ARG E 31 -1.88 21.74 -15.92
CA ARG E 31 -1.73 23.13 -16.34
C ARG E 31 -1.67 23.28 -17.85
N GLU E 32 -0.87 22.43 -18.51
CA GLU E 32 -0.76 22.51 -19.97
C GLU E 32 -2.08 22.15 -20.65
N THR E 33 -2.81 21.17 -20.11
CA THR E 33 -4.12 20.84 -20.69
C THR E 33 -5.14 21.95 -20.45
N THR E 34 -5.06 22.62 -19.30
CA THR E 34 -5.97 23.73 -19.04
C THR E 34 -5.66 24.95 -19.88
N ILE E 35 -4.37 25.19 -20.18
CA ILE E 35 -4.02 26.20 -21.16
C ILE E 35 -4.47 25.77 -22.55
N ARG E 36 -4.41 24.47 -22.82
CA ARG E 36 -4.94 23.92 -24.07
C ARG E 36 -6.45 24.05 -24.16
N GLU E 37 -7.14 24.18 -23.04
CA GLU E 37 -8.56 24.51 -23.07
C GLU E 37 -8.84 25.98 -23.37
N GLY E 38 -7.86 26.86 -23.29
CA GLY E 38 -7.96 28.18 -23.89
C GLY E 38 -8.03 29.33 -22.91
N SER E 39 -8.15 29.07 -21.61
CA SER E 39 -8.04 30.13 -20.61
C SER E 39 -6.57 30.48 -20.45
N LYS E 40 -6.19 31.66 -20.95
CA LYS E 40 -4.77 31.99 -21.08
C LYS E 40 -4.02 31.89 -19.77
N GLU E 41 -4.66 32.18 -18.64
CA GLU E 41 -4.03 31.98 -17.35
C GLU E 41 -4.87 31.04 -16.50
N ILE E 42 -4.19 30.24 -15.67
CA ILE E 42 -4.89 29.41 -14.70
C ILE E 42 -4.02 29.07 -13.49
N TYR E 43 -2.72 28.92 -13.68
CA TYR E 43 -1.90 28.52 -12.55
C TYR E 43 -0.50 29.08 -12.70
N PRO E 44 0.24 29.18 -11.60
CA PRO E 44 1.71 29.23 -11.69
C PRO E 44 2.31 27.92 -12.15
N SER E 45 3.40 28.03 -12.91
CA SER E 45 4.18 26.86 -13.25
C SER E 45 4.74 26.19 -11.99
N TYR E 46 5.23 24.97 -12.16
CA TYR E 46 5.92 24.27 -11.08
C TYR E 46 7.17 25.01 -10.62
N TYR E 47 7.77 25.83 -11.49
CA TYR E 47 8.85 26.72 -11.07
C TYR E 47 8.42 27.64 -9.94
N LYS E 48 7.22 28.19 -10.03
CA LYS E 48 6.75 29.08 -8.98
C LYS E 48 6.43 28.31 -7.70
N VAL E 49 5.91 27.10 -7.83
CA VAL E 49 5.55 26.35 -6.64
C VAL E 49 6.76 25.74 -5.96
N GLN E 50 7.82 25.43 -6.70
CA GLN E 50 9.05 25.04 -6.05
C GLN E 50 9.78 26.23 -5.45
N LYS E 51 9.57 27.43 -5.99
CA LYS E 51 10.04 28.61 -5.29
C LYS E 51 9.26 28.83 -3.99
N ALA E 52 7.97 28.55 -4.00
CA ALA E 52 7.19 28.60 -2.76
C ALA E 52 7.64 27.53 -1.77
N LYS E 53 8.02 26.35 -2.27
CA LYS E 53 8.61 25.32 -1.43
C LYS E 53 9.90 25.81 -0.80
N LEU E 54 10.70 26.56 -1.56
CA LEU E 54 11.93 27.13 -1.02
C LEU E 54 11.68 28.09 0.12
N GLN E 55 10.45 28.56 0.29
CA GLN E 55 10.14 29.37 1.47
C GLN E 55 9.87 28.50 2.70
N CYS E 56 9.34 27.30 2.49
CA CYS E 56 9.05 26.36 3.57
C CYS E 56 10.28 25.65 4.10
N TYR E 57 11.33 25.53 3.32
CA TYR E 57 12.39 24.59 3.67
C TYR E 57 13.35 25.21 4.69
N PRO E 58 13.78 24.43 5.68
CA PRO E 58 14.76 24.91 6.64
C PRO E 58 16.11 25.14 5.99
N PRO E 59 16.92 26.05 6.53
CA PRO E 59 18.26 26.29 6.01
C PRO E 59 19.16 25.05 5.98
N LYS E 60 19.92 24.95 4.87
CA LYS E 60 20.86 23.85 4.63
C LYS E 60 21.83 23.63 5.77
N ALA E 61 22.10 24.66 6.57
CA ALA E 61 23.03 24.53 7.69
C ALA E 61 22.57 23.49 8.71
N PHE E 62 21.29 23.21 8.79
CA PHE E 62 20.76 22.34 9.82
C PHE E 62 20.13 21.06 9.28
N VAL E 63 19.90 20.97 7.99
CA VAL E 63 19.38 19.73 7.41
C VAL E 63 20.53 18.78 7.12
N ALA E 64 20.25 17.49 7.23
CA ALA E 64 21.24 16.47 6.91
C ALA E 64 20.50 15.30 6.31
N VAL E 65 20.65 15.10 5.00
CA VAL E 65 20.17 13.93 4.29
C VAL E 65 21.35 13.03 3.96
N THR E 66 21.16 11.73 4.14
CA THR E 66 22.17 10.75 3.77
C THR E 66 21.54 9.66 2.94
N ASP E 67 22.37 8.73 2.45
CA ASP E 67 21.86 7.56 1.76
C ASP E 67 20.94 6.75 2.65
N SER E 68 21.21 6.68 3.95
CA SER E 68 20.51 5.76 4.82
C SER E 68 19.81 6.40 6.00
N SER E 69 19.98 7.70 6.23
CA SER E 69 19.31 8.34 7.34
C SER E 69 19.17 9.82 7.03
N ALA E 70 18.35 10.51 7.83
CA ALA E 70 18.36 11.97 7.77
C ALA E 70 17.90 12.54 9.11
N LYS E 71 18.33 13.76 9.37
CA LYS E 71 17.97 14.45 10.61
C LYS E 71 18.00 15.96 10.39
N ILE E 72 17.46 16.68 11.37
CA ILE E 72 17.59 18.13 11.45
C ILE E 72 17.82 18.51 12.90
N ALA E 73 18.57 19.60 13.10
CA ALA E 73 18.71 20.15 14.45
C ALA E 73 17.40 20.73 14.95
N LEU E 74 17.11 20.45 16.22
CA LEU E 74 15.83 20.78 16.82
C LEU E 74 15.54 22.28 16.76
N GLN E 75 16.50 23.08 17.23
CA GLN E 75 16.31 24.52 17.29
C GLN E 75 15.96 25.10 15.92
N ALA E 76 16.56 24.56 14.89
CA ALA E 76 16.28 25.03 13.53
C ALA E 76 14.82 24.85 13.13
N LEU E 77 14.23 23.69 13.44
CA LEU E 77 12.81 23.51 13.17
C LEU E 77 11.93 24.37 14.05
N LEU E 78 12.27 24.53 15.32
CA LEU E 78 11.49 25.44 16.16
C LEU E 78 11.48 26.86 15.62
N ASP E 79 12.67 27.41 15.34
CA ASP E 79 12.75 28.75 14.76
C ASP E 79 11.99 28.85 13.44
N LEU E 80 12.17 27.88 12.54
CA LEU E 80 11.42 27.90 11.29
C LEU E 80 9.91 27.86 11.53
N THR E 81 9.45 26.81 12.20
CA THR E 81 8.03 26.58 12.38
C THR E 81 7.33 27.72 13.11
N VAL E 82 7.96 28.29 14.15
CA VAL E 82 7.35 29.45 14.79
C VAL E 82 7.39 30.69 13.89
N ASN E 83 8.41 30.83 13.05
CA ASN E 83 8.37 31.87 12.02
C ASN E 83 7.13 31.72 11.16
N ARG E 84 6.88 30.52 10.68
CA ARG E 84 5.66 30.26 9.93
C ARG E 84 4.40 30.51 10.76
N ILE E 85 4.47 30.30 12.07
CA ILE E 85 3.32 30.57 12.95
C ILE E 85 3.01 32.06 13.11
N PHE E 86 4.01 32.92 13.08
CA PHE E 86 3.74 34.35 13.27
C PHE E 86 2.80 34.91 12.20
N GLU E 87 2.89 34.45 10.97
CA GLU E 87 1.93 34.88 9.96
C GLU E 87 0.54 34.32 10.17
N THR E 88 0.42 33.19 10.87
CA THR E 88 -0.92 32.69 11.20
C THR E 88 -1.64 33.58 12.20
N ILE E 89 -0.90 34.30 13.03
CA ILE E 89 -1.55 35.28 13.90
C ILE E 89 -2.16 36.39 13.05
N ARG E 90 -3.37 36.82 13.44
CA ARG E 90 -4.10 37.83 12.67
C ARG E 90 -3.27 39.08 12.47
N SER E 91 -2.35 39.33 13.38
CA SER E 91 -1.45 40.47 13.33
C SER E 91 -0.36 40.27 14.38
N PRO E 92 0.79 39.71 13.98
CA PRO E 92 1.80 39.30 14.98
C PRO E 92 2.33 40.44 15.82
N ASP E 93 1.97 41.68 15.52
CA ASP E 93 2.40 42.81 16.32
C ASP E 93 1.30 43.35 17.23
N ALA E 94 0.03 43.18 16.85
CA ALA E 94 -1.05 43.72 17.68
C ALA E 94 -1.25 42.89 18.94
N ILE E 95 -0.66 41.70 19.00
CA ILE E 95 -0.49 41.00 20.27
C ILE E 95 0.41 41.82 21.18
N GLN E 96 0.23 41.64 22.48
CA GLN E 96 1.05 42.36 23.45
C GLN E 96 2.52 42.03 23.24
N ASN E 97 3.34 43.09 23.24
CA ASN E 97 4.76 43.02 22.92
C ASN E 97 5.54 42.49 24.13
N LYS E 98 5.41 41.18 24.33
CA LYS E 98 6.03 40.49 25.46
C LYS E 98 6.49 39.11 24.99
N GLN E 99 7.28 38.45 25.83
CA GLN E 99 7.70 37.08 25.53
C GLN E 99 6.51 36.14 25.51
N LEU E 100 6.52 35.23 24.55
CA LEU E 100 5.54 34.16 24.46
C LEU E 100 6.21 32.82 24.77
N ILE E 101 5.38 31.79 24.94
CA ILE E 101 5.87 30.47 25.30
C ILE E 101 5.13 29.46 24.46
N LEU E 102 5.88 28.70 23.66
CA LEU E 102 5.35 27.57 22.94
C LEU E 102 5.49 26.32 23.79
N ILE E 103 4.38 25.69 24.11
CA ILE E 103 4.35 24.36 24.70
C ILE E 103 4.07 23.38 23.57
N SER E 104 5.02 22.47 23.37
CA SER E 104 5.01 21.53 22.27
C SER E 104 5.07 20.11 22.82
N LYS E 105 4.60 19.16 22.03
CA LYS E 105 4.80 17.75 22.32
C LYS E 105 5.66 17.14 21.22
N TRP E 106 6.40 16.10 21.58
CA TRP E 106 7.20 15.40 20.60
C TRP E 106 7.36 13.95 20.99
N GLY E 107 7.96 13.19 20.08
CA GLY E 107 8.24 11.79 20.31
C GLY E 107 8.67 11.12 19.03
N PHE E 108 8.36 9.84 18.91
CA PHE E 108 8.89 9.05 17.81
C PHE E 108 8.14 7.73 17.73
N ASP E 109 8.47 6.95 16.71
CA ASP E 109 7.85 5.65 16.47
C ASP E 109 8.72 4.79 15.59
N GLY E 110 8.63 3.47 15.83
CA GLY E 110 9.07 2.48 14.87
C GLY E 110 7.86 1.85 14.20
N ALA E 111 7.90 1.81 12.86
CA ALA E 111 6.90 1.15 12.04
C ALA E 111 7.60 0.16 11.11
N SER E 112 6.97 -0.97 10.80
CA SER E 112 7.62 -1.99 9.96
C SER E 112 6.98 -2.11 8.59
N ASN E 113 6.99 -3.35 8.02
CA ASN E 113 6.37 -3.73 6.75
C ASN E 113 6.55 -2.65 5.69
N GLN E 114 7.80 -2.24 5.53
CA GLN E 114 8.19 -1.23 4.55
C GLN E 114 8.64 -1.84 3.23
N SER E 115 8.31 -1.14 2.14
CA SER E 115 8.78 -1.49 0.80
C SER E 115 10.29 -1.49 0.72
N ARG E 116 10.84 -2.55 0.14
CA ARG E 116 12.29 -2.74 0.01
C ARG E 116 12.72 -2.31 -1.39
N TYR E 117 13.75 -1.49 -1.45
CA TYR E 117 14.30 -1.00 -2.70
C TYR E 117 15.43 -1.88 -3.22
N LYS E 118 15.67 -1.77 -4.52
CA LYS E 118 16.74 -2.49 -5.21
C LYS E 118 17.75 -1.43 -5.64
N GLN E 119 18.63 -1.07 -4.71
CA GLN E 119 19.65 -0.05 -4.89
C GLN E 119 20.50 -0.07 -3.63
N ASN E 120 21.70 0.51 -3.74
CA ASN E 120 22.46 1.01 -2.60
C ASN E 120 22.48 0.02 -1.43
N ILE E 121 23.28 -1.02 -1.58
CA ILE E 121 23.32 -2.20 -0.72
C ILE E 121 23.71 -1.83 0.71
N GLU E 122 23.94 -0.53 0.95
CA GLU E 122 24.56 0.03 2.16
C GLU E 122 24.31 -0.80 3.41
N SER E 123 25.43 -1.13 4.07
CA SER E 123 25.53 -2.12 5.13
C SER E 123 24.36 -2.23 6.09
N GLY E 124 23.87 -1.12 6.64
CA GLY E 124 22.99 -1.27 7.78
C GLY E 124 21.57 -1.69 7.47
N GLN E 125 21.32 -2.99 7.64
CA GLN E 125 19.99 -3.60 7.71
C GLN E 125 19.20 -3.45 6.41
N GLY E 126 19.76 -2.78 5.42
CA GLY E 126 18.88 -2.39 4.33
C GLY E 126 17.80 -1.43 4.80
N ASP E 127 16.65 -1.49 4.15
CA ASP E 127 15.46 -0.72 4.52
C ASP E 127 14.38 -1.72 4.94
N SER E 128 14.50 -2.20 6.17
CA SER E 128 13.60 -3.22 6.71
C SER E 128 12.42 -2.62 7.44
N SER E 129 12.64 -1.50 8.13
CA SER E 129 11.69 -0.96 9.08
C SER E 129 12.07 0.49 9.34
N ILE E 130 11.08 1.34 9.35
CA ILE E 130 11.29 2.77 9.56
C ILE E 130 11.23 3.10 11.03
N PHE E 131 12.00 4.12 11.40
CA PHE E 131 12.02 4.66 12.75
C PHE E 131 12.17 6.15 12.58
N MET E 132 11.20 6.92 13.08
CA MET E 132 11.21 8.36 12.86
C MET E 132 10.86 9.10 14.13
N THR E 133 11.52 10.24 14.32
CA THR E 133 11.23 11.17 15.38
C THR E 133 10.51 12.40 14.83
N SER E 134 9.66 13.01 15.66
CA SER E 134 8.73 14.02 15.19
C SER E 134 8.31 14.90 16.36
N LEU E 135 7.84 16.10 16.01
CA LEU E 135 7.49 17.15 16.97
C LEU E 135 6.27 17.89 16.45
N VAL E 136 5.53 18.51 17.37
CA VAL E 136 4.41 19.36 16.98
C VAL E 136 4.15 20.41 18.06
N PRO E 137 4.04 21.68 17.65
CA PRO E 137 3.58 22.74 18.55
C PRO E 137 2.09 22.67 18.85
N LEU E 138 1.76 22.69 20.14
CA LEU E 138 0.36 22.71 20.55
C LEU E 138 -0.15 24.11 20.84
N LYS E 139 0.59 24.87 21.65
CA LYS E 139 -0.02 25.99 22.34
C LYS E 139 0.99 27.11 22.50
N LEU E 140 0.57 28.34 22.24
CA LEU E 140 1.36 29.51 22.61
C LEU E 140 0.59 30.34 23.63
N THR E 141 1.25 30.65 24.76
CA THR E 141 0.66 31.50 25.78
C THR E 141 1.72 32.41 26.37
N ALA E 142 1.27 33.56 26.85
CA ALA E 142 2.09 34.45 27.67
C ALA E 142 1.34 34.56 29.00
N ASP E 143 1.69 33.68 29.94
CA ASP E 143 0.99 33.55 31.23
C ASP E 143 -0.43 33.02 31.04
N GLY E 144 -0.59 32.01 30.19
CA GLY E 144 -1.88 31.42 29.95
C GLY E 144 -2.68 32.10 28.85
N ASP E 145 -2.20 33.22 28.33
CA ASP E 145 -2.93 33.98 27.31
C ASP E 145 -2.72 33.33 25.94
N THR E 146 -3.65 32.45 25.59
CA THR E 146 -3.58 31.71 24.35
C THR E 146 -3.58 32.67 23.17
N VAL E 147 -2.46 32.75 22.45
CA VAL E 147 -2.36 33.62 21.29
C VAL E 147 -2.51 32.75 20.06
N TRP E 148 -2.08 31.50 20.17
CA TRP E 148 -2.36 30.53 19.14
C TRP E 148 -2.55 29.17 19.79
N VAL E 149 -3.46 28.39 19.21
CA VAL E 149 -3.61 26.98 19.52
C VAL E 149 -3.89 26.25 18.21
N ASN E 150 -3.49 24.99 18.17
CA ASN E 150 -3.88 24.17 17.04
C ASN E 150 -5.39 24.01 17.04
N PRO E 151 -6.08 24.40 15.97
CA PRO E 151 -7.53 24.15 15.92
C PRO E 151 -7.84 22.68 15.97
N LYS E 152 -6.96 21.84 15.44
CA LYS E 152 -7.10 20.38 15.44
C LYS E 152 -5.80 19.80 15.96
N PRO E 153 -5.63 19.77 17.27
CA PRO E 153 -4.39 19.23 17.87
C PRO E 153 -4.19 17.75 17.61
N CYS E 154 -5.17 17.07 17.04
CA CYS E 154 -5.10 15.63 16.84
C CYS E 154 -4.90 15.26 15.39
N SER E 155 -5.04 16.20 14.47
CA SER E 155 -4.80 15.91 13.06
C SER E 155 -3.32 15.60 12.82
N PRO E 156 -3.03 14.67 11.91
CA PRO E 156 -1.63 14.43 11.53
C PRO E 156 -1.00 15.61 10.83
N MET E 157 -1.80 16.45 10.19
CA MET E 157 -1.37 17.62 9.44
C MET E 157 -0.44 18.57 10.18
N TYR E 158 -0.27 18.41 11.49
CA TYR E 158 0.61 19.30 12.24
C TYR E 158 1.84 18.62 12.80
N CYS E 159 2.05 17.33 12.55
CA CYS E 159 3.24 16.65 13.03
C CYS E 159 4.43 16.96 12.12
N ARG E 160 5.53 17.39 12.72
CA ARG E 160 6.72 17.84 12.02
C ARG E 160 7.91 16.94 12.32
N PRO E 161 8.63 16.47 11.31
CA PRO E 161 9.71 15.50 11.52
C PRO E 161 10.97 16.13 12.08
N VAL E 162 11.64 15.39 12.97
CA VAL E 162 12.94 15.75 13.51
C VAL E 162 14.06 14.87 12.97
N GLN E 163 13.78 13.58 12.78
CA GLN E 163 14.74 12.68 12.13
C GLN E 163 13.98 11.47 11.61
N PHE E 164 14.64 10.70 10.74
CA PHE E 164 14.19 9.36 10.44
C PHE E 164 15.37 8.47 10.06
N SER E 165 15.19 7.17 10.31
CA SER E 165 16.23 6.17 10.11
C SER E 165 15.59 4.84 9.70
N PHE E 166 16.29 4.13 8.81
CA PHE E 166 15.92 2.78 8.38
C PHE E 166 16.53 1.73 9.29
N VAL E 167 16.04 1.70 10.53
CA VAL E 167 16.50 0.76 11.55
C VAL E 167 15.30 0.29 12.33
N LYS E 168 15.28 -1.00 12.68
CA LYS E 168 14.22 -1.52 13.51
C LYS E 168 14.33 -1.00 14.94
N GLU E 169 13.18 -0.96 15.62
CA GLU E 169 13.12 -0.55 17.01
C GLU E 169 13.92 -1.49 17.92
N THR E 170 14.76 -0.88 18.76
CA THR E 170 15.54 -1.65 19.72
C THR E 170 15.90 -0.75 20.88
N LYS E 171 15.81 -1.30 22.08
CA LYS E 171 16.07 -0.57 23.31
C LYS E 171 17.40 0.18 23.29
N ASP E 172 18.40 -0.35 22.59
CA ASP E 172 19.68 0.32 22.47
C ASP E 172 19.56 1.67 21.78
N VAL E 173 19.20 1.65 20.50
CA VAL E 173 19.04 2.87 19.73
C VAL E 173 17.96 3.76 20.34
N VAL E 174 16.92 3.15 20.90
CA VAL E 174 15.87 3.90 21.59
C VAL E 174 16.45 4.76 22.71
N ILE E 175 17.23 4.17 23.61
CA ILE E 175 17.80 4.94 24.72
C ILE E 175 18.85 5.93 24.23
N ASN E 176 19.65 5.54 23.24
CA ASN E 176 20.65 6.46 22.71
C ASN E 176 20.01 7.72 22.14
N GLU E 177 19.05 7.54 21.24
CA GLU E 177 18.39 8.70 20.63
C GLU E 177 17.53 9.46 21.61
N LYS E 178 16.91 8.78 22.58
CA LYS E 178 16.21 9.50 23.63
C LYS E 178 17.14 10.43 24.40
N THR E 179 18.23 9.89 24.96
CA THR E 179 19.13 10.70 25.77
C THR E 179 19.80 11.81 24.95
N ALA E 180 20.14 11.53 23.69
CA ALA E 180 20.67 12.57 22.81
C ALA E 180 19.66 13.67 22.55
N MET E 181 18.43 13.31 22.23
CA MET E 181 17.38 14.30 22.08
C MET E 181 17.16 15.13 23.34
N ASP E 182 17.14 14.48 24.52
CA ASP E 182 17.02 15.23 25.76
C ASP E 182 18.16 16.23 25.96
N ASP E 183 19.38 15.83 25.62
CA ASP E 183 20.51 16.76 25.69
C ASP E 183 20.32 17.93 24.74
N GLU E 184 19.90 17.64 23.51
CA GLU E 184 19.63 18.68 22.53
C GLU E 184 18.50 19.61 22.97
N ILE E 185 17.52 19.09 23.69
CA ILE E 185 16.46 19.92 24.26
C ILE E 185 17.01 20.82 25.35
N GLU E 186 17.89 20.28 26.20
CA GLU E 186 18.51 21.11 27.23
C GLU E 186 19.44 22.15 26.63
N ALA E 187 19.98 21.89 25.45
CA ALA E 187 20.90 22.79 24.78
C ALA E 187 20.20 23.76 23.82
N LEU E 188 18.89 23.95 23.96
CA LEU E 188 18.14 24.82 23.07
C LEU E 188 17.87 26.19 23.69
N VAL E 189 17.62 27.16 22.81
CA VAL E 189 17.39 28.56 23.18
C VAL E 189 16.00 29.02 22.73
N PRO E 190 15.37 29.96 23.42
CA PRO E 190 14.17 30.60 22.87
C PRO E 190 14.41 31.19 21.49
N SER E 191 13.50 30.90 20.57
CA SER E 191 13.56 31.48 19.23
C SER E 191 13.42 33.00 19.27
N LYS E 192 13.82 33.62 18.16
CA LYS E 192 13.76 35.06 17.96
C LYS E 192 13.08 35.36 16.62
N CYS E 193 12.19 36.35 16.63
CA CYS E 193 11.53 36.79 15.41
C CYS E 193 11.20 38.28 15.53
N GLN E 194 11.95 39.11 14.78
CA GLN E 194 11.64 40.52 14.58
C GLN E 194 11.25 41.24 15.87
N GLY E 195 12.01 40.96 16.93
CA GLY E 195 11.77 41.58 18.21
C GLY E 195 10.85 40.82 19.13
N HIS E 196 10.76 39.51 18.97
CA HIS E 196 9.98 38.66 19.86
C HIS E 196 10.83 37.45 20.21
N GLU E 197 11.06 37.25 21.50
CA GLU E 197 11.82 36.11 22.00
C GLU E 197 10.87 35.14 22.68
N ILE E 198 10.75 33.94 22.14
CA ILE E 198 9.71 33.00 22.56
C ILE E 198 10.39 31.76 23.11
N SER E 199 10.07 31.44 24.35
CA SER E 199 10.55 30.20 24.96
C SER E 199 9.78 29.00 24.43
N HIS E 200 10.40 27.83 24.58
CA HIS E 200 9.84 26.59 24.08
C HIS E 200 10.03 25.50 25.13
N LYS E 201 8.92 24.95 25.60
CA LYS E 201 8.95 23.81 26.50
C LYS E 201 8.36 22.59 25.81
N LEU E 202 9.11 21.50 25.82
CA LEU E 202 8.78 20.29 25.10
C LEU E 202 8.39 19.19 26.06
N MET E 203 7.45 18.35 25.64
CA MET E 203 7.04 17.19 26.42
C MET E 203 7.21 15.95 25.55
N MET E 204 8.06 15.03 26.00
CA MET E 204 8.21 13.75 25.35
C MET E 204 7.08 12.84 25.81
N THR E 205 5.94 13.02 25.16
CA THR E 205 4.72 12.30 25.51
C THR E 205 4.14 11.55 24.32
N MET E 206 4.55 11.91 23.11
CA MET E 206 4.09 11.23 21.90
C MET E 206 4.82 9.92 21.72
N ILE E 207 4.75 9.05 22.71
CA ILE E 207 5.47 7.79 22.70
C ILE E 207 4.59 6.75 23.38
N ASP E 208 4.65 5.52 22.87
CA ASP E 208 3.89 4.44 23.49
C ASP E 208 4.59 3.93 24.75
N GLY E 209 3.77 3.39 25.65
CA GLY E 209 4.29 2.71 26.82
C GLY E 209 5.23 1.58 26.46
N LYS E 210 5.06 1.00 25.28
CA LYS E 210 5.88 -0.10 24.82
C LYS E 210 7.33 0.32 24.61
N ILE E 211 7.59 1.60 24.42
CA ILE E 211 8.93 2.14 24.36
C ILE E 211 9.29 2.73 25.71
N CYS E 212 8.27 3.26 26.40
CA CYS E 212 8.48 3.75 27.76
C CYS E 212 9.04 2.67 28.68
N THR E 213 8.76 1.40 28.39
CA THR E 213 9.39 0.32 29.12
C THR E 213 10.91 0.35 28.98
N TYR E 214 11.40 0.73 27.80
CA TYR E 214 12.84 0.91 27.64
C TYR E 214 13.29 2.20 28.32
N LEU E 215 12.47 3.23 28.26
CA LEU E 215 12.78 4.48 28.94
C LEU E 215 12.52 4.40 30.43
N SER E 216 11.99 3.29 30.91
CA SER E 216 11.82 3.07 32.33
C SER E 216 12.73 1.95 32.83
N GLU E 217 12.99 1.99 34.12
CA GLU E 217 13.86 1.02 34.80
C GLU E 217 13.03 -0.17 35.27
N ALA E 218 12.46 -0.88 34.30
CA ALA E 218 11.68 -2.08 34.57
C ALA E 218 12.01 -3.09 33.49
N LYS E 219 12.58 -4.22 33.89
CA LYS E 219 12.93 -5.27 32.93
C LYS E 219 11.69 -5.78 32.21
N SER E 220 10.60 -5.98 32.93
CA SER E 220 9.36 -6.40 32.32
C SER E 220 8.67 -5.24 31.62
N ASN E 221 7.87 -5.59 30.61
CA ASN E 221 6.89 -4.68 30.03
C ASN E 221 5.56 -4.77 30.74
N ALA E 222 5.29 -5.90 31.38
CA ALA E 222 4.05 -6.12 32.12
C ALA E 222 4.09 -5.48 33.50
N ALA E 223 5.26 -5.10 33.97
CA ALA E 223 5.38 -4.29 35.18
C ALA E 223 5.02 -2.84 34.86
N CYS E 224 4.15 -2.27 35.68
CA CYS E 224 3.79 -0.87 35.51
C CYS E 224 4.99 0.02 35.75
N TYR E 225 5.35 0.80 34.72
CA TYR E 225 6.56 1.59 34.80
C TYR E 225 6.43 2.75 35.78
N LEU E 226 5.20 3.09 36.16
CA LEU E 226 5.01 4.11 37.18
C LEU E 226 5.03 3.49 38.56
N CYS E 227 4.60 2.23 38.65
CA CYS E 227 4.55 1.52 39.91
C CYS E 227 5.90 0.89 40.22
N LEU E 228 6.47 0.21 39.22
CA LEU E 228 7.55 -0.74 39.39
C LEU E 228 7.05 -1.88 40.26
N ALA E 229 5.96 -2.48 39.80
CA ALA E 229 5.23 -3.48 40.57
C ALA E 229 4.79 -4.63 39.66
N LYS E 230 4.59 -5.78 40.29
CA LYS E 230 4.19 -7.00 39.61
C LYS E 230 2.68 -7.05 39.45
N PRO E 231 2.19 -7.79 38.46
CA PRO E 231 0.73 -7.88 38.27
C PRO E 231 0.00 -8.50 39.45
N THR E 232 0.64 -9.40 40.18
CA THR E 232 0.02 -9.93 41.40
C THR E 232 -0.14 -8.82 42.43
N GLU E 233 0.93 -8.10 42.70
CA GLU E 233 0.87 -7.00 43.66
C GLU E 233 0.24 -5.76 43.04
N MET E 234 -0.03 -5.78 41.74
CA MET E 234 -0.71 -4.66 41.09
C MET E 234 -2.15 -4.52 41.55
N SER E 235 -2.76 -5.61 42.00
CA SER E 235 -4.17 -5.67 42.36
C SER E 235 -4.50 -5.03 43.70
N LYS E 236 -3.54 -4.39 44.37
CA LYS E 236 -3.82 -3.69 45.62
C LYS E 236 -3.79 -2.18 45.42
N LEU E 237 -4.74 -1.51 46.06
CA LEU E 237 -4.79 -0.05 46.07
C LEU E 237 -3.72 0.52 46.99
N ASP E 238 -3.69 0.04 48.23
CA ASP E 238 -2.92 0.69 49.30
C ASP E 238 -1.41 0.61 49.05
N VAL E 239 -0.90 -0.55 48.68
CA VAL E 239 0.54 -0.72 48.54
C VAL E 239 1.09 0.13 47.40
N ILE E 240 0.31 0.35 46.36
CA ILE E 240 0.77 1.18 45.26
C ILE E 240 0.47 2.65 45.48
N ALA E 241 -0.58 2.96 46.23
CA ALA E 241 -0.79 4.32 46.72
C ALA E 241 0.28 4.72 47.72
N SER E 242 0.95 3.74 48.32
CA SER E 242 2.08 3.95 49.22
C SER E 242 3.43 3.75 48.53
N LYS E 243 3.46 3.77 47.21
CA LYS E 243 4.69 3.70 46.45
C LYS E 243 5.03 5.04 45.81
N THR E 244 6.30 5.41 45.90
CA THR E 244 6.82 6.64 45.31
C THR E 244 6.83 6.56 43.78
N ILE E 245 6.95 7.73 43.15
CA ILE E 245 6.98 7.87 41.71
C ILE E 245 8.41 8.11 41.26
N SER E 246 8.79 7.43 40.20
CA SER E 246 10.13 7.53 39.65
C SER E 246 10.41 8.93 39.08
N SER E 247 11.68 9.16 38.77
CA SER E 247 12.20 10.45 38.32
C SER E 247 11.61 11.00 37.03
N GLY E 248 10.75 12.00 37.15
CA GLY E 248 10.18 12.69 36.00
C GLY E 248 9.36 11.82 35.09
N VAL E 249 9.00 10.62 35.53
CA VAL E 249 8.30 9.67 34.68
C VAL E 249 6.88 10.10 34.35
N TYR E 250 6.38 11.17 34.96
CA TYR E 250 5.15 11.78 34.48
C TYR E 250 5.32 12.42 33.10
N GLU E 251 6.56 12.72 32.71
CA GLU E 251 6.82 13.13 31.34
C GLU E 251 6.29 12.10 30.35
N PHE E 252 6.32 10.82 30.73
CA PHE E 252 5.63 9.77 30.00
C PHE E 252 4.15 9.88 30.30
N GLY E 253 3.53 10.86 29.65
CA GLY E 253 2.12 11.15 29.85
C GLY E 253 1.24 10.03 29.33
N LEU E 254 -0.05 10.18 29.62
CA LEU E 254 -1.05 9.15 29.37
C LEU E 254 -1.19 8.83 27.88
N SER E 255 -0.73 7.65 27.49
CA SER E 255 -0.82 7.17 26.10
C SER E 255 -2.23 6.67 25.83
N THR E 256 -3.08 7.59 25.36
CA THR E 256 -4.49 7.29 25.15
C THR E 256 -4.71 6.19 24.11
N LEU E 257 -3.76 6.00 23.19
CA LEU E 257 -3.91 4.98 22.16
C LEU E 257 -3.93 3.56 22.73
N HIS E 258 -2.84 3.15 23.37
CA HIS E 258 -2.74 1.77 23.84
C HIS E 258 -3.72 1.45 24.97
N ALA E 259 -4.07 2.42 25.79
CA ALA E 259 -5.06 2.17 26.84
C ALA E 259 -6.35 1.53 26.32
N ARG E 260 -6.84 2.01 25.19
CA ARG E 260 -8.11 1.47 24.66
C ARG E 260 -7.95 0.10 24.02
N ILE E 261 -6.83 -0.14 23.32
CA ILE E 261 -6.59 -1.45 22.75
C ILE E 261 -6.34 -2.48 23.84
N ASN E 262 -5.60 -2.09 24.86
CA ASN E 262 -5.37 -2.95 26.01
C ASN E 262 -6.65 -3.24 26.77
N VAL E 263 -7.56 -2.26 26.86
CA VAL E 263 -8.88 -2.51 27.44
C VAL E 263 -9.63 -3.56 26.63
N MET E 264 -9.67 -3.39 25.32
CA MET E 264 -10.31 -4.40 24.47
C MET E 264 -9.71 -5.79 24.66
N GLU E 265 -8.38 -5.90 24.62
CA GLU E 265 -7.75 -7.21 24.76
C GLU E 265 -7.94 -7.83 26.13
N CYS E 266 -7.83 -7.04 27.20
CA CYS E 266 -8.02 -7.57 28.54
C CYS E 266 -9.47 -7.96 28.80
N LEU E 267 -10.43 -7.21 28.26
CA LEU E 267 -11.81 -7.60 28.42
C LEU E 267 -12.14 -8.84 27.62
N LEU E 268 -11.55 -9.00 26.44
CA LEU E 268 -11.72 -10.25 25.71
C LEU E 268 -11.06 -11.43 26.41
N HIS E 269 -9.85 -11.23 26.94
CA HIS E 269 -9.22 -12.26 27.77
C HIS E 269 -10.10 -12.68 28.94
N ILE E 270 -10.68 -11.72 29.65
CA ILE E 270 -11.61 -12.04 30.73
C ILE E 270 -12.84 -12.77 30.21
N ALA E 271 -13.37 -12.36 29.05
CA ALA E 271 -14.51 -13.03 28.47
C ALA E 271 -14.20 -14.49 28.15
N TYR E 272 -12.97 -14.75 27.72
CA TYR E 272 -12.54 -16.13 27.50
C TYR E 272 -12.49 -16.89 28.81
N ARG E 273 -11.95 -16.26 29.85
CA ARG E 273 -11.65 -16.94 31.11
C ARG E 273 -12.84 -17.01 32.06
N LEU E 274 -14.03 -16.52 31.67
CA LEU E 274 -15.20 -16.64 32.53
C LEU E 274 -15.48 -18.08 32.94
N ASP E 275 -14.94 -19.06 32.23
CA ASP E 275 -15.04 -20.45 32.64
C ASP E 275 -14.26 -20.72 33.93
N PHE E 276 -12.94 -20.53 33.90
CA PHE E 276 -12.10 -20.91 35.03
C PHE E 276 -11.67 -19.70 35.86
N LYS E 277 -11.60 -18.54 35.23
CA LYS E 277 -11.40 -17.27 35.92
C LYS E 277 -10.10 -17.25 36.72
N LYS E 278 -9.00 -17.54 36.04
CA LYS E 278 -7.68 -17.32 36.59
C LYS E 278 -6.92 -16.45 35.61
N TRP E 279 -6.08 -15.55 36.14
CA TRP E 279 -5.34 -14.61 35.30
C TRP E 279 -4.61 -15.31 34.16
N SER E 280 -3.70 -16.22 34.49
CA SER E 280 -3.03 -17.03 33.49
C SER E 280 -3.95 -18.12 32.96
N ALA E 281 -3.86 -18.38 31.65
CA ALA E 281 -4.55 -19.48 31.01
C ALA E 281 -3.75 -20.78 31.09
N ARG E 282 -2.72 -20.81 31.93
CA ARG E 282 -2.03 -22.05 32.27
C ARG E 282 -2.86 -22.90 33.23
N GLY E 283 -2.92 -24.19 32.97
CA GLY E 283 -3.61 -25.13 33.83
C GLY E 283 -4.08 -26.34 33.06
N GLU E 284 -5.12 -26.99 33.59
CA GLU E 284 -5.66 -28.21 33.00
C GLU E 284 -7.01 -27.90 32.37
N GLY E 285 -7.09 -28.07 31.06
CA GLY E 285 -8.29 -27.83 30.29
C GLY E 285 -8.50 -26.38 29.95
N HIS E 286 -7.91 -25.47 30.73
CA HIS E 286 -8.12 -24.04 30.53
C HIS E 286 -7.66 -23.62 29.16
N GLN E 287 -6.71 -24.34 28.58
CA GLN E 287 -6.29 -24.08 27.21
C GLN E 287 -7.39 -24.46 26.22
N GLU E 288 -7.90 -25.68 26.35
CA GLU E 288 -9.01 -26.11 25.49
C GLU E 288 -10.27 -25.27 25.73
N LEU E 289 -10.51 -24.89 26.98
CA LEU E 289 -11.59 -23.98 27.31
C LEU E 289 -11.38 -22.59 26.70
N LEU E 290 -10.14 -22.11 26.70
CA LEU E 290 -9.83 -20.85 26.05
C LEU E 290 -10.06 -20.93 24.55
N HIS E 291 -9.55 -21.98 23.91
CA HIS E 291 -9.74 -22.14 22.47
C HIS E 291 -11.22 -22.15 22.12
N SER E 292 -11.98 -22.96 22.83
CA SER E 292 -13.42 -23.07 22.59
C SER E 292 -14.14 -21.74 22.81
N ARG E 293 -14.04 -21.19 24.02
CA ARG E 293 -14.79 -19.96 24.32
C ARG E 293 -14.32 -18.77 23.50
N LYS E 294 -13.04 -18.69 23.14
CA LYS E 294 -12.58 -17.64 22.24
C LYS E 294 -13.19 -17.75 20.86
N LYS E 295 -13.19 -18.96 20.28
CA LYS E 295 -13.83 -19.14 18.99
C LYS E 295 -15.33 -18.85 19.05
N LEU E 296 -15.99 -19.36 20.08
CA LEU E 296 -17.42 -19.12 20.25
C LEU E 296 -17.75 -17.63 20.39
N ILE E 297 -16.96 -16.90 21.17
CA ILE E 297 -17.25 -15.48 21.34
C ILE E 297 -16.85 -14.66 20.11
N GLN E 298 -15.79 -15.04 19.40
CA GLN E 298 -15.50 -14.42 18.12
C GLN E 298 -16.65 -14.60 17.12
N ASP E 299 -17.25 -15.79 17.07
CA ASP E 299 -18.36 -16.01 16.15
C ASP E 299 -19.66 -15.34 16.58
N ARG E 300 -19.98 -15.37 17.87
CA ARG E 300 -21.18 -14.66 18.33
C ARG E 300 -20.99 -13.16 18.38
N PHE E 301 -19.76 -12.69 18.38
CA PHE E 301 -19.49 -11.26 18.31
C PHE E 301 -19.52 -10.78 16.86
N LYS E 302 -18.97 -11.59 15.95
CA LYS E 302 -19.00 -11.29 14.53
C LYS E 302 -20.43 -11.28 13.99
N ASP E 303 -21.23 -12.29 14.32
CA ASP E 303 -22.53 -12.43 13.68
C ASP E 303 -23.49 -11.31 14.05
N ASP E 304 -23.27 -10.67 15.18
CA ASP E 304 -24.17 -9.61 15.63
C ASP E 304 -23.58 -8.22 15.43
N LEU E 305 -22.27 -8.06 15.51
CA LEU E 305 -21.64 -6.75 15.41
C LEU E 305 -20.82 -6.58 14.15
N ASN E 306 -20.77 -7.60 13.30
CA ASN E 306 -20.11 -7.54 12.00
C ASN E 306 -18.67 -7.05 12.09
N LEU E 307 -17.85 -7.86 12.74
CA LEU E 307 -16.42 -7.59 12.80
C LEU E 307 -15.67 -8.90 12.77
N LEU E 308 -14.45 -8.86 12.25
CA LEU E 308 -13.54 -9.98 12.28
C LEU E 308 -12.26 -9.56 12.99
N ILE E 309 -11.89 -10.29 14.04
CA ILE E 309 -10.61 -10.07 14.69
C ILE E 309 -9.49 -10.51 13.76
N ASP E 310 -8.57 -9.59 13.47
CA ASP E 310 -7.55 -9.77 12.47
C ASP E 310 -6.52 -10.83 12.90
N ILE E 311 -5.82 -11.37 11.90
CA ILE E 311 -4.93 -12.51 12.04
C ILE E 311 -3.50 -12.06 11.76
N VAL E 312 -2.55 -12.57 12.56
CA VAL E 312 -1.13 -12.32 12.33
C VAL E 312 -0.36 -13.63 12.53
N LYS E 313 0.57 -13.92 11.61
CA LYS E 313 1.31 -15.17 11.64
C LYS E 313 2.79 -15.00 11.92
N GLN E 314 3.32 -13.78 11.77
CA GLN E 314 4.61 -13.41 12.37
C GLN E 314 4.48 -13.31 13.89
N GLY E 315 3.27 -13.10 14.38
CA GLY E 315 2.93 -13.03 15.78
C GLY E 315 2.47 -11.64 16.18
N SER E 316 1.25 -11.63 16.74
CA SER E 316 0.57 -10.48 17.33
C SER E 316 -0.86 -10.92 17.60
N GLY E 317 -1.50 -10.34 18.62
CA GLY E 317 -2.83 -10.81 19.00
C GLY E 317 -3.91 -10.38 18.03
N THR E 318 -3.90 -9.10 17.65
CA THR E 318 -4.96 -8.51 16.83
C THR E 318 -4.58 -7.08 16.51
N THR E 319 -5.26 -6.52 15.52
CA THR E 319 -5.19 -5.09 15.28
C THR E 319 -6.62 -4.57 15.40
N ASN E 320 -6.95 -4.14 16.62
CA ASN E 320 -8.23 -3.53 16.95
C ASN E 320 -8.19 -2.02 16.85
N ASP E 321 -6.97 -1.48 16.83
CA ASP E 321 -6.60 -0.08 16.70
C ASP E 321 -7.66 0.95 17.08
N GLY E 322 -8.26 1.58 16.08
CA GLY E 322 -9.19 2.64 16.38
C GLY E 322 -10.62 2.24 16.19
N ASN E 323 -10.86 1.56 15.07
CA ASN E 323 -12.23 1.30 14.67
C ASN E 323 -12.88 0.24 15.54
N THR E 324 -12.15 -0.84 15.83
CA THR E 324 -12.70 -1.84 16.73
C THR E 324 -12.87 -1.28 18.13
N ALA E 325 -11.95 -0.42 18.56
CA ALA E 325 -12.10 0.30 19.82
C ALA E 325 -13.40 1.10 19.90
N ARG E 326 -13.58 2.04 18.99
CA ARG E 326 -14.78 2.89 19.03
C ARG E 326 -16.07 2.11 18.74
N ARG E 327 -16.03 1.14 17.83
CA ARG E 327 -17.21 0.32 17.57
C ARG E 327 -17.60 -0.49 18.79
N PHE E 328 -16.61 -1.06 19.47
CA PHE E 328 -16.83 -1.77 20.71
C PHE E 328 -17.42 -0.87 21.79
N PHE E 329 -17.11 0.42 21.76
CA PHE E 329 -17.63 1.38 22.72
C PHE E 329 -18.91 2.07 22.30
N GLU E 330 -19.35 1.93 21.05
CA GLU E 330 -20.50 2.71 20.59
C GLU E 330 -21.76 2.31 21.34
N PHE E 331 -22.06 1.01 21.40
CA PHE E 331 -23.11 0.47 22.26
C PHE E 331 -22.50 -0.65 23.09
N PRO E 332 -21.93 -0.30 24.24
CA PRO E 332 -21.30 -1.31 25.10
C PRO E 332 -22.24 -2.40 25.58
N ASP E 333 -23.54 -2.10 25.67
CA ASP E 333 -24.51 -3.13 26.03
C ASP E 333 -24.41 -4.35 25.12
N LYS E 334 -24.02 -4.14 23.86
CA LYS E 334 -23.90 -5.25 22.92
C LYS E 334 -22.85 -6.26 23.38
N THR E 335 -21.61 -5.81 23.56
CA THR E 335 -20.58 -6.69 24.10
C THR E 335 -20.87 -7.12 25.54
N ALA E 336 -21.56 -6.29 26.31
CA ALA E 336 -21.98 -6.69 27.66
C ALA E 336 -22.89 -7.91 27.62
N ALA E 337 -23.79 -7.97 26.64
CA ALA E 337 -24.64 -9.14 26.50
C ALA E 337 -23.91 -10.32 25.87
N ILE E 338 -23.11 -10.07 24.83
CA ILE E 338 -22.45 -11.17 24.13
C ILE E 338 -21.38 -11.83 25.00
N THR E 339 -20.47 -11.05 25.56
CA THR E 339 -19.47 -11.56 26.47
C THR E 339 -20.00 -11.82 27.87
N GLY E 340 -21.06 -11.16 28.27
CA GLY E 340 -21.59 -11.34 29.61
C GLY E 340 -20.85 -10.59 30.69
N LEU E 341 -20.25 -9.46 30.35
CA LEU E 341 -19.57 -8.63 31.33
C LEU E 341 -20.48 -7.47 31.73
N ASP E 342 -20.25 -6.95 32.94
CA ASP E 342 -21.01 -5.81 33.41
C ASP E 342 -20.93 -4.62 32.48
N GLU E 343 -22.09 -4.00 32.23
CA GLU E 343 -22.18 -2.80 31.42
C GLU E 343 -21.75 -1.56 32.18
N ASP E 344 -22.01 -1.50 33.49
CA ASP E 344 -21.58 -0.36 34.29
C ASP E 344 -20.07 -0.13 34.20
N LEU E 345 -19.27 -1.18 34.40
CA LEU E 345 -17.82 -1.03 34.36
C LEU E 345 -17.31 -0.58 32.98
N ILE E 346 -17.89 -1.10 31.90
CA ILE E 346 -17.50 -0.61 30.58
C ILE E 346 -18.05 0.78 30.30
N ARG E 347 -19.14 1.18 30.96
CA ARG E 347 -19.54 2.58 30.94
C ARG E 347 -18.57 3.46 31.70
N ARG E 348 -17.97 2.96 32.76
CA ARG E 348 -16.91 3.71 33.44
C ARG E 348 -15.66 3.82 32.58
N PHE E 349 -15.30 2.75 31.89
CA PHE E 349 -14.19 2.81 30.95
C PHE E 349 -14.49 3.78 29.82
N SER E 350 -15.72 3.81 29.35
CA SER E 350 -16.13 4.80 28.37
C SER E 350 -16.00 6.21 28.93
N VAL E 351 -16.47 6.40 30.16
CA VAL E 351 -16.42 7.73 30.78
C VAL E 351 -14.99 8.23 30.88
N ILE E 352 -14.07 7.41 31.37
CA ILE E 352 -12.68 7.85 31.47
C ILE E 352 -12.01 8.01 30.11
N LEU E 353 -12.29 7.12 29.16
CA LEU E 353 -11.71 7.30 27.83
C LEU E 353 -12.24 8.55 27.14
N GLN E 354 -13.52 8.83 27.30
CA GLN E 354 -14.12 10.06 26.78
C GLN E 354 -13.54 11.30 27.44
N ALA E 355 -13.32 11.24 28.75
CA ALA E 355 -12.70 12.37 29.43
C ALA E 355 -11.27 12.59 28.96
N ILE E 356 -10.52 11.51 28.76
CA ILE E 356 -9.15 11.65 28.26
C ILE E 356 -9.14 12.20 26.85
N THR E 357 -10.02 11.70 25.98
CA THR E 357 -9.97 12.10 24.58
C THR E 357 -10.69 13.42 24.30
N SER E 358 -11.44 13.95 25.26
CA SER E 358 -12.19 15.17 25.02
C SER E 358 -11.29 16.30 24.54
N GLY E 359 -10.12 16.44 25.14
CA GLY E 359 -9.21 17.51 24.79
C GLY E 359 -9.38 18.75 25.64
N GLU E 360 -10.08 18.65 26.76
CA GLU E 360 -10.34 19.78 27.64
C GLU E 360 -9.92 19.47 29.07
N ILE E 361 -9.88 20.53 29.87
CA ILE E 361 -9.49 20.44 31.27
C ILE E 361 -10.43 19.49 32.01
N ILE E 362 -9.87 18.73 32.94
CA ILE E 362 -10.59 17.76 33.74
C ILE E 362 -10.34 18.08 35.20
N ASP E 363 -11.41 18.13 36.00
CA ASP E 363 -11.26 18.19 37.45
C ASP E 363 -10.71 16.87 37.95
N VAL E 364 -9.45 16.90 38.38
CA VAL E 364 -8.72 15.77 38.95
C VAL E 364 -9.34 15.20 40.21
N PRO E 365 -10.00 15.97 41.10
CA PRO E 365 -10.62 15.30 42.24
C PRO E 365 -11.76 14.38 41.86
N LYS E 366 -12.60 14.81 40.93
CA LYS E 366 -13.69 13.97 40.45
C LYS E 366 -13.15 12.81 39.62
N PHE E 367 -12.07 13.05 38.88
CA PHE E 367 -11.47 11.99 38.09
C PHE E 367 -10.85 10.92 38.98
N LYS E 368 -10.07 11.33 39.97
CA LYS E 368 -9.50 10.40 40.93
C LYS E 368 -10.57 9.65 41.70
N GLU E 369 -11.66 10.33 42.06
CA GLU E 369 -12.81 9.67 42.65
C GLU E 369 -13.34 8.56 41.76
N TYR E 370 -13.65 8.88 40.50
CA TYR E 370 -14.22 7.86 39.64
C TYR E 370 -13.22 6.76 39.31
N ALA E 371 -11.95 7.09 39.22
CA ALA E 371 -10.92 6.08 38.92
C ALA E 371 -10.74 5.09 40.06
N ARG E 372 -10.70 5.59 41.30
CA ARG E 372 -10.62 4.66 42.42
C ARG E 372 -11.92 3.89 42.63
N THR E 373 -13.07 4.49 42.34
CA THR E 373 -14.31 3.72 42.42
C THR E 373 -14.41 2.69 41.29
N THR E 374 -13.77 2.95 40.16
CA THR E 374 -13.66 1.93 39.12
C THR E 374 -12.70 0.82 39.52
N ALA E 375 -11.64 1.16 40.24
CA ALA E 375 -10.75 0.12 40.74
C ALA E 375 -11.45 -0.76 41.78
N GLU E 376 -12.24 -0.14 42.65
CA GLU E 376 -13.10 -0.87 43.57
C GLU E 376 -14.04 -1.81 42.84
N LYS E 377 -14.81 -1.28 41.89
CA LYS E 377 -15.80 -2.11 41.20
C LYS E 377 -15.17 -3.19 40.34
N TYR E 378 -14.00 -2.92 39.76
CA TYR E 378 -13.25 -3.96 39.07
C TYR E 378 -12.85 -5.07 40.02
N VAL E 379 -12.11 -4.74 41.08
CA VAL E 379 -11.56 -5.80 41.91
C VAL E 379 -12.67 -6.57 42.60
N GLU E 380 -13.78 -5.92 42.95
CA GLU E 380 -14.88 -6.68 43.54
C GLU E 380 -15.59 -7.54 42.49
N LEU E 381 -15.60 -7.12 41.23
CA LEU E 381 -16.17 -7.97 40.17
C LEU E 381 -15.17 -8.97 39.60
N TYR E 382 -14.07 -8.50 39.04
CA TYR E 382 -13.09 -9.37 38.41
C TYR E 382 -11.73 -9.10 39.07
N ASP E 383 -11.48 -9.81 40.15
CA ASP E 383 -10.20 -9.76 40.82
C ASP E 383 -9.21 -10.72 40.18
N TRP E 384 -9.68 -11.94 39.90
CA TRP E 384 -8.81 -13.06 39.54
C TRP E 384 -7.94 -12.77 38.33
N TYR E 385 -8.37 -11.90 37.43
CA TYR E 385 -7.49 -11.40 36.38
C TYR E 385 -6.75 -10.17 36.90
N TYR E 386 -5.43 -10.26 36.91
CA TYR E 386 -4.60 -9.08 37.14
C TYR E 386 -4.74 -8.11 35.99
N MET E 387 -5.26 -6.92 36.30
CA MET E 387 -5.41 -5.86 35.31
C MET E 387 -4.08 -5.54 34.66
N SER E 388 -4.15 -5.16 33.39
CA SER E 388 -2.94 -4.83 32.64
C SER E 388 -2.26 -3.58 33.17
N SER E 389 -1.03 -3.41 32.71
CA SER E 389 -0.21 -2.25 33.06
C SER E 389 -0.92 -0.93 32.81
N THR E 390 -1.54 -0.80 31.64
CA THR E 390 -2.14 0.48 31.26
C THR E 390 -3.41 0.78 32.04
N VAL E 391 -4.24 -0.23 32.31
CA VAL E 391 -5.46 0.05 33.06
C VAL E 391 -5.15 0.33 34.52
N HIS E 392 -4.10 -0.28 35.07
CA HIS E 392 -3.63 0.11 36.39
C HIS E 392 -3.04 1.52 36.39
N LYS E 393 -2.24 1.84 35.39
CA LYS E 393 -1.72 3.19 35.24
C LYS E 393 -2.84 4.22 35.12
N LEU E 394 -3.94 3.83 34.48
CA LEU E 394 -5.13 4.68 34.43
C LEU E 394 -5.79 4.83 35.80
N LEU E 395 -6.07 3.71 36.46
CA LEU E 395 -6.91 3.77 37.66
C LEU E 395 -6.16 4.37 38.84
N ILE E 396 -4.89 4.02 39.01
CA ILE E 396 -4.12 4.50 40.15
C ILE E 396 -3.27 5.70 39.79
N HIS E 397 -2.55 5.62 38.68
CA HIS E 397 -1.56 6.64 38.35
C HIS E 397 -2.12 7.75 37.48
N GLY E 398 -3.33 7.59 36.94
CA GLY E 398 -3.79 8.49 35.90
C GLY E 398 -4.01 9.90 36.41
N GLY E 399 -4.76 10.05 37.50
CA GLY E 399 -5.02 11.37 38.04
C GLY E 399 -3.77 12.13 38.43
N ASP E 400 -2.75 11.41 38.91
CA ASP E 400 -1.48 12.05 39.24
C ASP E 400 -0.82 12.66 38.01
N ILE E 401 -0.71 11.90 36.93
CA ILE E 401 -0.07 12.43 35.73
C ILE E 401 -0.98 13.43 35.02
N ILE E 402 -2.29 13.34 35.23
CA ILE E 402 -3.20 14.36 34.74
C ILE E 402 -2.94 15.69 35.43
N ALA E 403 -2.78 15.66 36.75
CA ALA E 403 -2.45 16.88 37.47
C ALA E 403 -1.04 17.37 37.13
N GLU E 404 -0.12 16.45 36.84
CA GLU E 404 1.20 16.87 36.37
C GLU E 404 1.13 17.50 34.99
N ASN E 405 0.64 16.75 34.01
CA ASN E 405 0.51 17.25 32.64
C ASN E 405 -0.79 17.99 32.43
N ALA E 406 -1.16 18.87 33.35
CA ALA E 406 -2.38 19.65 33.23
C ALA E 406 -2.16 20.97 32.50
N ILE E 407 -0.89 21.35 32.29
CA ILE E 407 -0.58 22.58 31.57
C ILE E 407 -1.11 22.54 30.15
N VAL E 408 -1.33 21.36 29.60
CA VAL E 408 -2.05 21.22 28.34
C VAL E 408 -3.18 20.21 28.53
N PRO E 409 -4.37 20.48 27.99
CA PRO E 409 -5.44 19.48 28.07
C PRO E 409 -5.10 18.20 27.33
N ILE E 410 -5.28 17.08 28.04
CA ILE E 410 -4.96 15.77 27.53
C ILE E 410 -5.83 15.42 26.33
N GLY E 411 -5.32 14.57 25.46
CA GLY E 411 -5.93 14.24 24.20
C GLY E 411 -5.40 15.09 23.06
N SER E 412 -5.05 16.33 23.34
CA SER E 412 -4.17 17.06 22.44
C SER E 412 -2.75 16.53 22.56
N LEU E 413 -2.32 16.23 23.78
CA LEU E 413 -1.15 15.39 24.00
C LEU E 413 -1.49 13.94 23.72
N SER E 414 -0.92 13.39 22.64
CA SER E 414 -1.33 12.11 22.10
C SER E 414 -0.25 11.66 21.14
N GLU E 415 -0.22 10.35 20.86
CA GLU E 415 0.59 9.84 19.76
C GLU E 415 -0.23 9.41 18.55
N GLU E 416 -1.54 9.26 18.69
CA GLU E 416 -2.38 8.85 17.57
C GLU E 416 -2.18 9.74 16.37
N ALA E 417 -2.04 11.05 16.62
CA ALA E 417 -1.70 12.01 15.57
C ALA E 417 -0.38 11.68 14.89
N SER E 418 0.68 11.49 15.67
CA SER E 418 2.00 11.28 15.07
C SER E 418 2.14 9.93 14.38
N GLU E 419 1.62 8.85 14.97
CA GLU E 419 1.80 7.57 14.32
C GLU E 419 0.91 7.38 13.09
N ALA E 420 -0.17 8.14 13.00
CA ALA E 420 -0.89 8.21 11.73
C ALA E 420 -0.04 8.81 10.63
N ARG E 421 1.00 9.56 10.97
CA ARG E 421 1.86 10.11 9.94
C ARG E 421 2.61 9.03 9.18
N ASN E 422 2.75 7.83 9.75
CA ASN E 422 3.39 6.77 8.99
C ASN E 422 2.55 6.37 7.78
N LYS E 423 1.24 6.58 7.88
CA LYS E 423 0.38 6.41 6.71
C LYS E 423 0.79 7.36 5.61
N ASP E 424 1.03 8.62 5.96
CA ASP E 424 1.58 9.55 4.99
C ASP E 424 2.97 9.13 4.52
N PHE E 425 3.82 8.69 5.46
CA PHE E 425 5.21 8.39 5.10
C PHE E 425 5.29 7.37 3.96
N ARG E 426 4.64 6.23 4.10
CA ARG E 426 4.67 5.24 3.04
C ARG E 426 4.13 5.84 1.75
N ARG E 427 2.98 6.49 1.82
CA ARG E 427 2.40 7.06 0.62
C ARG E 427 3.26 8.18 0.08
N PHE E 428 3.93 8.93 0.97
CA PHE E 428 4.90 9.89 0.49
C PHE E 428 6.07 9.21 -0.22
N ARG E 429 6.60 8.15 0.38
CA ARG E 429 7.74 7.48 -0.21
C ARG E 429 7.44 6.80 -1.55
N GLU E 430 6.22 6.30 -1.73
CA GLU E 430 5.90 5.65 -3.00
C GLU E 430 5.57 6.63 -4.11
N HIS E 431 4.72 7.63 -3.84
CA HIS E 431 4.32 8.52 -4.92
C HIS E 431 5.27 9.68 -5.15
N HIS E 432 5.51 10.47 -4.12
CA HIS E 432 6.08 11.80 -4.28
C HIS E 432 7.60 11.83 -4.16
N SER E 433 8.23 10.67 -4.06
CA SER E 433 9.68 10.65 -4.06
C SER E 433 10.20 10.63 -5.48
N ARG E 434 11.46 11.02 -5.63
CA ARG E 434 12.25 10.68 -6.80
C ARG E 434 13.16 9.51 -6.46
N LYS E 435 13.06 8.45 -7.26
CA LYS E 435 13.57 7.13 -6.95
C LYS E 435 14.96 6.86 -7.50
N LYS E 436 15.65 7.88 -7.99
CA LYS E 436 16.98 7.68 -8.56
C LYS E 436 18.03 7.34 -7.51
N SER E 437 17.73 7.52 -6.22
CA SER E 437 18.66 7.16 -5.16
C SER E 437 17.92 7.13 -3.83
N ARG E 438 18.47 6.37 -2.89
CA ARG E 438 17.95 6.41 -1.53
C ARG E 438 18.11 7.79 -0.92
N GLN E 439 19.25 8.42 -1.13
CA GLN E 439 19.48 9.78 -0.67
C GLN E 439 18.50 10.78 -1.29
N ALA E 440 18.15 10.59 -2.56
CA ALA E 440 17.13 11.43 -3.17
C ALA E 440 15.77 11.21 -2.53
N SER E 441 15.37 9.94 -2.37
CA SER E 441 14.11 9.64 -1.69
C SER E 441 14.08 10.19 -0.26
N ASN E 442 15.23 10.25 0.40
CA ASN E 442 15.24 10.80 1.76
C ASN E 442 15.10 12.31 1.74
N GLU E 443 15.62 12.97 0.71
CA GLU E 443 15.35 14.39 0.58
C GLU E 443 13.88 14.63 0.25
N ASP E 444 13.32 13.79 -0.63
CA ASP E 444 11.92 13.92 -0.99
C ASP E 444 11.02 13.80 0.23
N ILE E 445 11.16 12.71 0.99
CA ILE E 445 10.33 12.51 2.17
C ILE E 445 10.54 13.61 3.22
N LEU E 446 11.78 14.10 3.37
CA LEU E 446 12.02 15.23 4.27
C LEU E 446 11.22 16.46 3.88
N ASN E 447 11.48 17.00 2.69
CA ASN E 447 10.79 18.21 2.27
C ASN E 447 9.29 18.00 2.14
N MET E 448 8.86 16.82 1.68
CA MET E 448 7.43 16.54 1.59
C MET E 448 6.74 16.56 2.94
N LEU E 449 7.37 16.03 3.97
CA LEU E 449 6.69 16.12 5.26
C LEU E 449 6.77 17.52 5.86
N ILE E 450 7.84 18.27 5.58
CA ILE E 450 7.88 19.66 6.01
C ILE E 450 6.80 20.50 5.33
N ILE E 451 6.50 20.21 4.05
CA ILE E 451 5.38 20.91 3.42
C ILE E 451 4.05 20.38 3.96
N SER E 452 3.97 19.08 4.24
CA SER E 452 2.74 18.50 4.76
C SER E 452 2.35 19.07 6.10
N SER E 453 3.28 19.67 6.82
CA SER E 453 2.92 20.34 8.07
C SER E 453 3.48 21.76 8.15
N ASP E 454 3.62 22.42 6.99
CA ASP E 454 3.84 23.87 6.99
C ASP E 454 2.63 24.57 7.59
N PRO E 455 2.80 25.15 8.78
CA PRO E 455 1.65 25.68 9.53
C PRO E 455 0.79 26.68 8.80
N LEU E 456 1.39 27.57 8.02
CA LEU E 456 0.59 28.55 7.29
C LEU E 456 -0.23 27.90 6.20
N ILE E 457 0.39 27.05 5.40
CA ILE E 457 -0.36 26.31 4.39
C ILE E 457 -1.33 25.34 5.06
N SER E 458 -0.92 24.74 6.18
CA SER E 458 -1.83 23.86 6.91
C SER E 458 -3.06 24.61 7.37
N PHE E 459 -2.93 25.90 7.64
CA PHE E 459 -4.08 26.73 7.93
C PHE E 459 -4.96 26.96 6.70
N THR E 460 -4.39 27.53 5.65
CA THR E 460 -5.10 27.80 4.39
C THR E 460 -4.90 26.68 3.38
N ARG E 461 -5.52 25.53 3.68
CA ARG E 461 -5.62 24.46 2.70
C ARG E 461 -6.95 23.75 2.87
N PRO E 462 -7.42 23.05 1.83
CA PRO E 462 -8.63 22.23 1.94
C PRO E 462 -8.62 21.23 3.08
N LYS E 463 -9.82 21.03 3.64
CA LYS E 463 -10.06 20.06 4.70
C LYS E 463 -11.56 19.79 4.76
N LEU E 464 -11.94 18.78 5.54
CA LEU E 464 -13.34 18.42 5.76
C LEU E 464 -13.64 18.35 7.25
N ASP E 465 -14.54 19.23 7.71
CA ASP E 465 -15.12 19.13 9.05
C ASP E 465 -16.63 19.13 8.96
N ALA E 466 -17.22 17.94 9.18
CA ALA E 466 -18.63 17.75 9.48
C ALA E 466 -18.82 16.84 10.69
N HIS E 467 -17.72 16.34 11.26
CA HIS E 467 -17.68 15.41 12.38
C HIS E 467 -17.58 16.15 13.70
N LYS E 468 -18.21 17.32 13.76
CA LYS E 468 -18.00 18.31 14.81
C LYS E 468 -18.11 17.73 16.22
N ARG E 469 -19.25 17.14 16.55
CA ARG E 469 -19.52 16.67 17.91
C ARG E 469 -20.32 15.38 17.87
N GLN E 470 -20.37 14.73 19.04
CA GLN E 470 -21.11 13.49 19.23
C GLN E 470 -21.50 13.40 20.69
N THR E 471 -22.47 12.53 20.98
CA THR E 471 -23.05 12.39 22.31
C THR E 471 -22.10 11.96 23.42
N TYR E 472 -21.71 12.91 24.27
CA TYR E 472 -20.98 12.61 25.49
C TYR E 472 -21.88 11.89 26.49
N PHE E 473 -21.25 11.19 27.42
CA PHE E 473 -21.97 10.45 28.46
C PHE E 473 -22.21 11.32 29.68
N LYS E 474 -23.29 11.00 30.41
CA LYS E 474 -23.78 11.89 31.46
C LYS E 474 -22.81 11.96 32.63
N GLU E 475 -22.37 10.80 33.13
CA GLU E 475 -21.32 10.80 34.15
C GLU E 475 -20.02 11.40 33.62
N THR E 476 -19.80 11.34 32.31
CA THR E 476 -18.65 12.03 31.75
C THR E 476 -18.80 13.54 31.87
N VAL E 477 -19.89 14.09 31.36
CA VAL E 477 -20.06 15.54 31.43
C VAL E 477 -20.16 16.01 32.88
N GLU E 478 -20.60 15.13 33.79
CA GLU E 478 -20.43 15.42 35.21
C GLU E 478 -18.95 15.55 35.55
N LEU E 479 -18.15 14.60 35.09
CA LEU E 479 -16.70 14.66 35.26
C LEU E 479 -16.09 15.77 34.41
N LEU E 480 -16.61 15.97 33.20
CA LEU E 480 -16.02 16.96 32.31
C LEU E 480 -16.05 18.36 32.91
N GLN E 481 -14.87 18.98 32.96
CA GLN E 481 -14.70 20.40 33.25
C GLN E 481 -14.68 21.16 31.93
N LEU E 482 -15.86 21.33 31.35
CA LEU E 482 -15.99 21.90 30.02
C LEU E 482 -16.46 23.35 30.13
N GLN E 483 -15.63 24.26 29.64
CA GLN E 483 -15.96 25.67 29.53
C GLN E 483 -15.61 26.14 28.13
N ASP E 484 -16.08 27.34 27.79
CA ASP E 484 -15.90 27.87 26.43
C ASP E 484 -16.23 29.36 26.38
#